data_5T3E
#
_entry.id   5T3E
#
_cell.length_a   139.693
_cell.length_b   124.937
_cell.length_c   68.925
_cell.angle_alpha   90.00
_cell.angle_beta   95.66
_cell.angle_gamma   90.00
#
_symmetry.space_group_name_H-M   'C 1 2 1'
#
loop_
_entity.id
_entity.type
_entity.pdbx_description
1 polymer 'Bacillamide synthetase heterocyclization domain'
2 non-polymer 'SULFATE ION'
3 water water
#
_entity_poly.entity_id   1
_entity_poly.type   'polypeptide(L)'
_entity_poly.pdbx_seq_one_letter_code
;GADLSEPFSLTEVQTAYMLGRNPQFELSGISPQTYFEYETELDIARLSRSFQKVIQRHPMLRAVILPEGKQQILRDVPEY
EIEVESLVSMPPEKQAARLREERSRMIDHVFPLGQWPLFELKAFQLQEHTYLLCFRYDALLMDGASMNLVGQDLMHYYHQ
PDAQLPPLSFTFQDYMHIYDDMKRGTEYETAKAYWTNKLPDFPPAPSLLLAKDPAEIGTPNFQSLTTIITKDKWLKLRRL
AQDKQVTPSALLCTVYGEVLAFWSNQRRLAINLTVFNRYPVHDEVEQIVGDFTSLILLDMDMDQKQPFFTKVEQTQSTLL
DGLEHRHYDGVEFIRDYTRYHQMRPKAVMPIVFTSMLAGAGAFAWEEIGSLRHIHARTPQVYLDNVVIEKNGELLVSWNY
VEELFDAEVMESMFTQFVELLDQLVEQGDINPLRISQKDYALIDQ
;
_entity_poly.pdbx_strand_id   A,B
#
# COMPACT_ATOMS: atom_id res chain seq x y z
N SER A 5 14.20 -19.41 15.10
CA SER A 5 15.53 -19.46 14.53
C SER A 5 15.83 -20.82 13.92
N GLU A 6 14.76 -21.56 13.59
CA GLU A 6 14.87 -22.83 12.88
C GLU A 6 15.06 -22.56 11.40
N PRO A 7 15.83 -23.41 10.71
CA PRO A 7 15.95 -23.24 9.25
C PRO A 7 14.60 -23.52 8.58
N PHE A 8 14.28 -22.73 7.56
CA PHE A 8 13.02 -22.91 6.85
C PHE A 8 13.26 -22.84 5.36
N SER A 9 12.19 -23.13 4.61
CA SER A 9 12.29 -23.37 3.18
C SER A 9 12.61 -22.09 2.41
N LEU A 10 13.21 -22.27 1.25
CA LEU A 10 13.42 -21.19 0.29
C LEU A 10 12.22 -21.11 -0.65
N THR A 11 11.95 -19.91 -1.15
CA THR A 11 11.01 -19.79 -2.25
C THR A 11 11.58 -20.49 -3.48
N GLU A 12 10.72 -20.70 -4.47
CA GLU A 12 11.19 -21.36 -5.69
C GLU A 12 12.09 -20.44 -6.50
N VAL A 13 11.92 -19.12 -6.36
CA VAL A 13 12.86 -18.19 -6.97
C VAL A 13 14.20 -18.20 -6.22
N GLN A 14 14.15 -18.22 -4.89
CA GLN A 14 15.39 -18.32 -4.10
C GLN A 14 16.16 -19.58 -4.47
N THR A 15 15.46 -20.69 -4.67
CA THR A 15 16.12 -21.93 -5.06
C THR A 15 16.79 -21.80 -6.41
N ALA A 16 16.09 -21.20 -7.38
CA ALA A 16 16.70 -20.96 -8.69
C ALA A 16 17.93 -20.07 -8.56
N TYR A 17 17.87 -19.07 -7.68
CA TYR A 17 19.03 -18.21 -7.44
C TYR A 17 20.20 -19.00 -6.88
N MET A 18 19.94 -19.89 -5.93
CA MET A 18 21.02 -20.66 -5.33
C MET A 18 21.64 -21.64 -6.32
N LEU A 19 20.83 -22.22 -7.21
CA LEU A 19 21.37 -23.10 -8.22
C LEU A 19 22.08 -22.34 -9.33
N GLY A 20 21.79 -21.05 -9.49
CA GLY A 20 22.52 -20.23 -10.43
C GLY A 20 23.94 -19.90 -10.01
N ARG A 21 24.32 -20.23 -8.77
CA ARG A 21 25.69 -20.09 -8.31
C ARG A 21 26.60 -21.19 -8.83
N ASN A 22 26.05 -22.25 -9.41
CA ASN A 22 26.85 -23.39 -9.83
C ASN A 22 27.36 -23.13 -11.23
N PRO A 23 28.68 -23.11 -11.45
CA PRO A 23 29.22 -22.75 -12.77
C PRO A 23 29.02 -23.80 -13.84
N GLN A 24 28.45 -24.96 -13.51
CA GLN A 24 28.24 -26.01 -14.49
C GLN A 24 27.10 -25.71 -15.45
N PHE A 25 26.24 -24.76 -15.10
CA PHE A 25 25.21 -24.27 -16.00
C PHE A 25 25.73 -23.04 -16.74
N GLU A 26 25.19 -22.80 -17.93
CA GLU A 26 25.62 -21.65 -18.70
C GLU A 26 25.10 -20.36 -18.07
N LEU A 27 25.91 -19.30 -18.18
CA LEU A 27 25.58 -17.99 -17.60
C LEU A 27 25.26 -18.11 -16.12
N SER A 28 26.03 -18.94 -15.41
CA SER A 28 25.85 -19.15 -13.99
C SER A 28 27.19 -18.88 -13.30
N GLY A 29 27.35 -19.39 -12.08
CA GLY A 29 28.53 -19.13 -11.31
C GLY A 29 28.53 -17.81 -10.57
N ILE A 30 27.37 -17.16 -10.46
CA ILE A 30 27.23 -15.92 -9.71
C ILE A 30 25.88 -15.94 -9.00
N SER A 31 25.78 -15.14 -7.98
CA SER A 31 24.53 -14.91 -7.30
C SER A 31 23.88 -13.63 -7.81
N PRO A 32 22.55 -13.56 -7.83
CA PRO A 32 21.90 -12.31 -8.21
C PRO A 32 22.15 -11.22 -7.16
N GLN A 33 22.40 -10.01 -7.64
CA GLN A 33 22.82 -8.92 -6.78
C GLN A 33 22.36 -7.61 -7.40
N THR A 34 22.14 -6.62 -6.54
CA THR A 34 21.81 -5.27 -6.96
C THR A 34 22.75 -4.29 -6.26
N TYR A 35 23.22 -3.30 -7.02
CA TYR A 35 24.19 -2.34 -6.53
C TYR A 35 23.79 -0.94 -6.99
N PHE A 36 23.88 0.05 -6.09
CA PHE A 36 23.70 1.43 -6.50
C PHE A 36 24.51 2.36 -5.62
N GLU A 37 24.71 3.58 -6.13
CA GLU A 37 25.50 4.61 -5.48
C GLU A 37 24.67 5.89 -5.34
N TYR A 38 24.75 6.52 -4.17
CA TYR A 38 24.13 7.80 -3.92
C TYR A 38 25.19 8.76 -3.43
N GLU A 39 25.25 9.95 -4.02
CA GLU A 39 26.08 11.03 -3.49
C GLU A 39 25.26 11.78 -2.46
N THR A 40 25.72 11.77 -1.21
CA THR A 40 24.95 12.26 -0.08
C THR A 40 25.75 13.27 0.73
N GLU A 41 25.02 14.12 1.45
CA GLU A 41 25.61 15.03 2.42
C GLU A 41 25.07 14.80 3.83
N LEU A 42 24.46 13.64 4.07
CA LEU A 42 23.92 13.33 5.39
C LEU A 42 25.03 12.91 6.35
N ASP A 43 24.65 12.78 7.62
CA ASP A 43 25.57 12.38 8.68
C ASP A 43 25.72 10.86 8.66
N ILE A 44 26.90 10.38 8.24
CA ILE A 44 27.10 8.95 8.08
C ILE A 44 26.97 8.22 9.41
N ALA A 45 27.44 8.85 10.49
CA ALA A 45 27.35 8.21 11.80
C ALA A 45 25.89 8.02 12.21
N ARG A 46 25.05 9.03 11.99
CA ARG A 46 23.62 8.88 12.24
C ARG A 46 23.00 7.84 11.33
N LEU A 47 23.42 7.81 10.06
CA LEU A 47 22.94 6.78 9.14
C LEU A 47 23.33 5.39 9.64
N SER A 48 24.54 5.25 10.18
CA SER A 48 24.99 3.93 10.63
C SER A 48 24.19 3.44 11.82
N ARG A 49 23.93 4.32 12.80
CA ARG A 49 23.12 3.93 13.95
C ARG A 49 21.69 3.61 13.51
N SER A 50 21.13 4.42 12.61
CA SER A 50 19.79 4.12 12.09
C SER A 50 19.75 2.78 11.39
N PHE A 51 20.77 2.47 10.60
CA PHE A 51 20.81 1.19 9.89
C PHE A 51 20.85 0.02 10.86
N GLN A 52 21.54 0.19 11.99
CA GLN A 52 21.57 -0.86 13.00
C GLN A 52 20.16 -1.19 13.50
N LYS A 53 19.33 -0.17 13.71
CA LYS A 53 17.98 -0.42 14.18
C LYS A 53 17.10 -1.03 13.10
N VAL A 54 17.38 -0.72 11.83
CA VAL A 54 16.68 -1.39 10.73
C VAL A 54 17.00 -2.88 10.74
N ILE A 55 18.27 -3.22 10.99
CA ILE A 55 18.70 -4.61 11.01
C ILE A 55 18.00 -5.38 12.14
N GLN A 56 17.85 -4.74 13.31
CA GLN A 56 17.17 -5.41 14.41
C GLN A 56 15.66 -5.47 14.17
N ARG A 57 15.10 -4.50 13.45
CA ARG A 57 13.67 -4.53 13.14
C ARG A 57 13.32 -5.70 12.23
N HIS A 58 14.14 -5.98 11.23
CA HIS A 58 13.77 -6.95 10.20
C HIS A 58 14.58 -8.23 10.32
N PRO A 59 13.96 -9.36 10.63
CA PRO A 59 14.72 -10.60 10.83
C PRO A 59 15.49 -11.08 9.60
N MET A 60 14.96 -10.84 8.40
CA MET A 60 15.66 -11.33 7.20
C MET A 60 16.95 -10.57 6.93
N LEU A 61 17.11 -9.36 7.49
CA LEU A 61 18.41 -8.72 7.45
C LEU A 61 19.41 -9.36 8.41
N ARG A 62 18.97 -10.32 9.21
CA ARG A 62 19.85 -11.07 10.10
C ARG A 62 19.85 -12.56 9.77
N ALA A 63 19.54 -12.91 8.53
CA ALA A 63 19.44 -14.30 8.09
C ALA A 63 20.64 -14.68 7.23
N VAL A 64 20.83 -16.00 7.09
CA VAL A 64 21.83 -16.56 6.20
C VAL A 64 21.18 -17.63 5.33
N ILE A 65 21.78 -17.86 4.17
CA ILE A 65 21.39 -18.96 3.29
C ILE A 65 22.33 -20.13 3.56
N LEU A 66 21.75 -21.30 3.83
CA LEU A 66 22.60 -22.42 4.18
C LEU A 66 22.86 -23.31 2.97
N PRO A 67 24.00 -24.00 2.93
CA PRO A 67 24.33 -24.85 1.77
C PRO A 67 23.29 -25.92 1.49
N GLU A 68 22.57 -26.38 2.51
CA GLU A 68 21.56 -27.43 2.33
C GLU A 68 20.32 -26.94 1.60
N GLY A 69 20.27 -25.66 1.21
CA GLY A 69 19.13 -25.14 0.48
C GLY A 69 18.01 -24.67 1.39
N LYS A 70 18.37 -24.04 2.49
CA LYS A 70 17.40 -23.41 3.40
C LYS A 70 17.96 -22.08 3.88
N GLN A 71 17.14 -21.36 4.63
CA GLN A 71 17.53 -20.08 5.21
C GLN A 71 17.23 -20.11 6.70
N GLN A 72 18.00 -19.32 7.45
CA GLN A 72 17.89 -19.32 8.91
C GLN A 72 18.12 -17.92 9.45
N ILE A 73 17.24 -17.48 10.34
CA ILE A 73 17.41 -16.21 11.04
C ILE A 73 18.39 -16.43 12.19
N LEU A 74 19.47 -15.65 12.22
CA LEU A 74 20.46 -15.82 13.26
C LEU A 74 19.95 -15.25 14.57
N ARG A 75 20.35 -15.90 15.68
CA ARG A 75 20.02 -15.42 17.01
C ARG A 75 20.51 -13.99 17.21
N ASP A 76 21.82 -13.80 17.19
CA ASP A 76 22.41 -12.47 17.26
C ASP A 76 23.45 -12.30 16.17
N VAL A 77 23.64 -11.04 15.76
CA VAL A 77 24.63 -10.70 14.74
C VAL A 77 25.55 -9.63 15.31
N PRO A 78 26.81 -9.56 14.89
CA PRO A 78 27.65 -8.44 15.30
C PRO A 78 27.06 -7.10 14.89
N GLU A 79 27.40 -6.07 15.65
CA GLU A 79 27.04 -4.70 15.29
C GLU A 79 27.56 -4.38 13.89
N TYR A 80 26.70 -3.81 13.07
CA TYR A 80 27.09 -3.36 11.74
C TYR A 80 27.29 -1.85 11.75
N GLU A 81 28.44 -1.40 11.24
CA GLU A 81 28.71 0.02 11.07
C GLU A 81 29.06 0.29 9.61
N ILE A 82 28.61 1.44 9.12
CA ILE A 82 28.98 1.88 7.77
C ILE A 82 30.46 2.21 7.80
N GLU A 83 31.26 1.43 7.09
CA GLU A 83 32.68 1.74 6.97
C GLU A 83 32.84 3.03 6.17
N VAL A 84 33.68 3.93 6.67
CA VAL A 84 33.98 5.19 6.00
C VAL A 84 35.41 5.13 5.50
N GLU A 85 35.58 5.28 4.19
CA GLU A 85 36.89 5.40 3.57
C GLU A 85 37.04 6.83 3.11
N SER A 86 38.00 7.55 3.70
CA SER A 86 38.19 8.95 3.40
C SER A 86 39.09 9.10 2.17
N LEU A 87 38.69 9.98 1.26
CA LEU A 87 39.48 10.30 0.06
C LEU A 87 39.72 11.80 -0.06
N VAL A 88 39.59 12.55 1.03
CA VAL A 88 39.43 14.00 0.92
C VAL A 88 40.73 14.68 0.46
N SER A 89 41.88 14.07 0.72
CA SER A 89 43.15 14.64 0.30
C SER A 89 43.57 14.19 -1.09
N MET A 90 42.79 13.33 -1.73
CA MET A 90 43.19 12.81 -3.03
C MET A 90 42.65 13.70 -4.16
N PRO A 91 43.46 13.93 -5.18
CA PRO A 91 42.99 14.70 -6.35
C PRO A 91 41.85 13.97 -7.03
N PRO A 92 41.01 14.69 -7.78
CA PRO A 92 39.80 14.06 -8.33
C PRO A 92 40.06 12.85 -9.21
N GLU A 93 41.16 12.83 -9.97
CA GLU A 93 41.42 11.66 -10.82
C GLU A 93 41.78 10.44 -9.98
N LYS A 94 42.58 10.62 -8.93
CA LYS A 94 42.91 9.50 -8.07
C LYS A 94 41.69 9.04 -7.30
N GLN A 95 40.81 9.97 -6.91
CA GLN A 95 39.54 9.61 -6.30
C GLN A 95 38.71 8.77 -7.25
N ALA A 96 38.56 9.23 -8.50
CA ALA A 96 37.75 8.51 -9.47
C ALA A 96 38.29 7.11 -9.71
N ALA A 97 39.62 6.95 -9.75
CA ALA A 97 40.20 5.63 -9.96
C ALA A 97 39.91 4.71 -8.78
N ARG A 98 40.05 5.21 -7.56
CA ARG A 98 39.76 4.40 -6.38
C ARG A 98 38.29 3.99 -6.35
N LEU A 99 37.39 4.91 -6.68
CA LEU A 99 35.97 4.55 -6.72
C LEU A 99 35.71 3.53 -7.83
N ARG A 100 36.51 3.53 -8.90
CA ARG A 100 36.17 2.70 -10.04
C ARG A 100 36.41 1.25 -9.73
N GLU A 101 37.58 0.96 -9.16
CA GLU A 101 37.94 -0.43 -8.92
C GLU A 101 37.29 -0.87 -7.62
N GLU A 102 36.94 0.08 -6.72
CA GLU A 102 36.04 -0.24 -5.60
C GLU A 102 34.65 -0.65 -6.10
N ARG A 103 34.13 0.07 -7.11
CA ARG A 103 32.84 -0.31 -7.72
C ARG A 103 32.91 -1.69 -8.35
N SER A 104 33.93 -1.93 -9.18
CA SER A 104 34.04 -3.21 -9.89
C SER A 104 34.25 -4.35 -8.91
N ARG A 105 35.00 -4.11 -7.83
CA ARG A 105 35.24 -5.15 -6.83
C ARG A 105 33.96 -5.45 -6.04
N MET A 106 33.16 -4.42 -5.71
CA MET A 106 31.91 -4.68 -5.01
C MET A 106 30.92 -5.44 -5.88
N ILE A 107 30.95 -5.22 -7.19
CA ILE A 107 30.04 -5.89 -8.11
C ILE A 107 30.47 -7.33 -8.36
N ASP A 108 31.77 -7.62 -8.31
CA ASP A 108 32.24 -8.98 -8.48
C ASP A 108 32.26 -9.76 -7.17
N HIS A 109 32.06 -9.08 -6.04
CA HIS A 109 32.05 -9.77 -4.76
C HIS A 109 30.89 -10.76 -4.70
N VAL A 110 31.14 -11.90 -4.06
CA VAL A 110 30.12 -12.92 -3.86
C VAL A 110 30.01 -13.15 -2.36
N PHE A 111 28.79 -13.13 -1.85
CA PHE A 111 28.58 -13.38 -0.43
C PHE A 111 28.62 -14.88 -0.17
N PRO A 112 29.48 -15.36 0.73
CA PRO A 112 29.57 -16.79 0.97
C PRO A 112 28.29 -17.32 1.60
N LEU A 113 27.92 -18.54 1.21
CA LEU A 113 26.77 -19.19 1.80
C LEU A 113 27.01 -19.42 3.29
N GLY A 114 25.95 -19.27 4.08
CA GLY A 114 25.98 -19.57 5.50
C GLY A 114 26.56 -18.48 6.37
N GLN A 115 27.05 -17.37 5.81
CA GLN A 115 27.69 -16.32 6.59
C GLN A 115 26.91 -15.02 6.46
N TRP A 116 27.22 -14.10 7.38
CA TRP A 116 26.48 -12.84 7.50
C TRP A 116 27.45 -11.66 7.44
N PRO A 117 27.03 -10.54 6.81
CA PRO A 117 25.74 -10.27 6.18
C PRO A 117 25.73 -10.46 4.68
N LEU A 118 24.54 -10.43 4.08
CA LEU A 118 24.39 -10.48 2.62
C LEU A 118 24.22 -9.08 2.03
N PHE A 119 24.89 -8.09 2.62
CA PHE A 119 24.85 -6.73 2.10
C PHE A 119 26.12 -6.01 2.53
N GLU A 120 26.35 -4.86 1.90
CA GLU A 120 27.43 -3.97 2.32
C GLU A 120 26.99 -2.54 2.09
N LEU A 121 27.14 -1.71 3.11
CA LEU A 121 26.81 -0.29 3.04
C LEU A 121 28.08 0.46 3.42
N LYS A 122 28.77 0.99 2.42
CA LYS A 122 30.06 1.64 2.60
C LYS A 122 29.98 3.07 2.09
N ALA A 123 30.72 3.96 2.75
CA ALA A 123 30.75 5.37 2.41
C ALA A 123 32.17 5.79 2.07
N PHE A 124 32.31 6.57 1.01
CA PHE A 124 33.58 7.17 0.60
C PHE A 124 33.47 8.67 0.79
N GLN A 125 34.34 9.23 1.62
CA GLN A 125 34.30 10.66 1.91
C GLN A 125 35.03 11.41 0.81
N LEU A 126 34.29 12.13 -0.03
CA LEU A 126 34.88 12.89 -1.12
C LEU A 126 35.32 14.28 -0.66
N GLN A 127 34.48 14.94 0.14
CA GLN A 127 34.83 16.18 0.82
C GLN A 127 34.37 16.07 2.27
N GLU A 128 34.69 17.08 3.07
CA GLU A 128 34.42 17.04 4.50
C GLU A 128 32.97 16.65 4.81
N HIS A 129 32.02 17.15 4.01
CA HIS A 129 30.61 16.85 4.23
C HIS A 129 29.94 16.25 3.00
N THR A 130 30.71 15.65 2.09
CA THR A 130 30.14 15.01 0.91
C THR A 130 30.66 13.58 0.82
N TYR A 131 29.75 12.62 0.83
CA TYR A 131 30.10 11.21 0.78
C TYR A 131 29.46 10.56 -0.45
N LEU A 132 30.07 9.47 -0.90
CA LEU A 132 29.46 8.58 -1.88
C LEU A 132 29.06 7.31 -1.13
N LEU A 133 27.76 7.09 -1.01
CA LEU A 133 27.21 5.96 -0.27
C LEU A 133 26.90 4.82 -1.24
N CYS A 134 27.52 3.66 -1.02
CA CYS A 134 27.35 2.49 -1.86
C CYS A 134 26.58 1.42 -1.12
N PHE A 135 25.53 0.89 -1.75
CA PHE A 135 24.73 -0.17 -1.16
C PHE A 135 24.58 -1.30 -2.17
N ARG A 136 24.79 -2.53 -1.71
CA ARG A 136 24.62 -3.71 -2.53
C ARG A 136 24.09 -4.84 -1.67
N TYR A 137 23.24 -5.68 -2.25
CA TYR A 137 22.65 -6.78 -1.51
C TYR A 137 22.40 -7.96 -2.43
N ASP A 138 22.58 -9.16 -1.88
CA ASP A 138 22.26 -10.37 -2.61
C ASP A 138 20.75 -10.50 -2.74
N ALA A 139 20.29 -10.92 -3.92
CA ALA A 139 18.86 -11.08 -4.14
C ALA A 139 18.28 -12.27 -3.38
N LEU A 140 19.12 -13.17 -2.87
CA LEU A 140 18.65 -14.20 -1.95
C LEU A 140 18.12 -13.57 -0.66
N LEU A 141 18.61 -12.38 -0.32
CA LEU A 141 18.24 -11.73 0.93
C LEU A 141 16.88 -11.05 0.85
N MET A 142 16.65 -10.26 -0.19
CA MET A 142 15.44 -9.47 -0.26
C MET A 142 15.19 -9.08 -1.72
N ASP A 143 13.93 -8.82 -2.04
CA ASP A 143 13.60 -8.31 -3.37
C ASP A 143 13.67 -6.78 -3.38
N GLY A 144 13.38 -6.19 -4.54
CA GLY A 144 13.49 -4.75 -4.68
C GLY A 144 12.50 -3.99 -3.82
N ALA A 145 11.26 -4.50 -3.72
CA ALA A 145 10.27 -3.85 -2.88
C ALA A 145 10.71 -3.84 -1.41
N SER A 146 11.27 -4.94 -0.94
CA SER A 146 11.80 -4.98 0.43
C SER A 146 12.94 -3.97 0.60
N MET A 147 13.73 -3.78 -0.46
CA MET A 147 14.82 -2.80 -0.39
C MET A 147 14.29 -1.39 -0.17
N ASN A 148 13.13 -1.07 -0.75
CA ASN A 148 12.50 0.21 -0.48
C ASN A 148 12.04 0.32 0.98
N LEU A 149 11.52 -0.78 1.53
CA LEU A 149 11.16 -0.80 2.95
C LEU A 149 12.37 -0.48 3.82
N VAL A 150 13.53 -1.05 3.49
CA VAL A 150 14.74 -0.79 4.27
C VAL A 150 15.12 0.68 4.22
N GLY A 151 15.10 1.26 3.03
CA GLY A 151 15.36 2.69 2.91
C GLY A 151 14.36 3.54 3.65
N GLN A 152 13.10 3.09 3.70
CA GLN A 152 12.07 3.83 4.41
C GLN A 152 12.34 3.87 5.91
N ASP A 153 12.59 2.70 6.51
CA ASP A 153 12.93 2.66 7.92
C ASP A 153 14.26 3.34 8.20
N LEU A 154 15.21 3.24 7.27
CA LEU A 154 16.50 3.92 7.44
C LEU A 154 16.30 5.41 7.61
N MET A 155 15.56 6.04 6.70
CA MET A 155 15.31 7.47 6.79
C MET A 155 14.48 7.83 8.02
N HIS A 156 13.55 6.96 8.42
CA HIS A 156 12.73 7.24 9.59
C HIS A 156 13.59 7.33 10.85
N TYR A 157 14.39 6.29 11.13
CA TYR A 157 15.24 6.31 12.31
C TYR A 157 16.34 7.36 12.20
N TYR A 158 16.69 7.79 10.99
CA TYR A 158 17.65 8.88 10.85
C TYR A 158 17.07 10.19 11.37
N HIS A 159 15.86 10.54 10.92
CA HIS A 159 15.24 11.78 11.36
C HIS A 159 14.70 11.71 12.78
N GLN A 160 14.18 10.55 13.18
CA GLN A 160 13.52 10.38 14.47
C GLN A 160 14.10 9.17 15.17
N PRO A 161 15.30 9.30 15.74
CA PRO A 161 15.96 8.13 16.36
C PRO A 161 15.16 7.51 17.49
N ASP A 162 14.33 8.28 18.19
CA ASP A 162 13.64 7.78 19.37
C ASP A 162 12.22 7.31 19.10
N ALA A 163 11.63 7.70 17.96
CA ALA A 163 10.28 7.29 17.61
C ALA A 163 10.32 5.85 17.12
N GLN A 164 10.05 4.91 18.03
CA GLN A 164 10.10 3.49 17.71
C GLN A 164 8.90 3.11 16.84
N LEU A 165 9.17 2.28 15.80
CA LEU A 165 8.20 1.89 14.79
C LEU A 165 7.29 0.77 15.31
N PRO A 166 6.05 0.69 14.82
CA PRO A 166 5.09 -0.26 15.39
C PRO A 166 5.57 -1.69 15.24
N PRO A 167 5.45 -2.49 16.30
CA PRO A 167 6.02 -3.84 16.26
C PRO A 167 5.38 -4.70 15.18
N LEU A 168 6.19 -5.51 14.53
CA LEU A 168 5.73 -6.47 13.55
C LEU A 168 5.41 -7.79 14.24
N SER A 169 4.26 -8.38 13.89
CA SER A 169 3.88 -9.69 14.40
C SER A 169 3.99 -10.78 13.35
N PHE A 170 4.25 -10.41 12.10
CA PHE A 170 4.33 -11.34 10.98
C PHE A 170 5.77 -11.38 10.49
N THR A 171 6.30 -12.59 10.31
CA THR A 171 7.68 -12.76 9.86
C THR A 171 7.70 -13.47 8.51
N PHE A 172 8.86 -13.41 7.84
CA PHE A 172 9.01 -14.13 6.59
C PHE A 172 9.03 -15.64 6.83
N GLN A 173 9.44 -16.07 8.03
CA GLN A 173 9.32 -17.48 8.38
C GLN A 173 7.86 -17.92 8.41
N ASP A 174 6.98 -17.09 8.98
CA ASP A 174 5.55 -17.37 8.93
C ASP A 174 5.06 -17.43 7.48
N TYR A 175 5.47 -16.46 6.66
CA TYR A 175 5.07 -16.45 5.26
C TYR A 175 5.49 -17.72 4.54
N MET A 176 6.71 -18.20 4.81
CA MET A 176 7.20 -19.39 4.11
C MET A 176 6.41 -20.63 4.48
N HIS A 177 5.93 -20.71 5.72
CA HIS A 177 5.04 -21.81 6.09
C HIS A 177 3.77 -21.76 5.25
N ILE A 178 3.20 -20.56 5.07
CA ILE A 178 2.04 -20.40 4.20
C ILE A 178 2.41 -20.68 2.75
N TYR A 179 3.60 -20.23 2.33
CA TYR A 179 4.05 -20.46 0.96
C TYR A 179 4.10 -21.96 0.64
N ASP A 180 4.68 -22.75 1.55
CA ASP A 180 4.78 -24.18 1.32
C ASP A 180 3.41 -24.84 1.27
N ASP A 181 2.45 -24.32 2.03
CA ASP A 181 1.09 -24.87 1.97
C ASP A 181 0.38 -24.47 0.68
N MET A 182 0.78 -23.34 0.07
CA MET A 182 0.12 -22.89 -1.14
C MET A 182 0.55 -23.70 -2.37
N LYS A 183 1.70 -24.37 -2.30
CA LYS A 183 2.14 -25.24 -3.39
C LYS A 183 1.22 -26.43 -3.58
N ARG A 184 0.46 -26.81 -2.55
CA ARG A 184 -0.39 -27.99 -2.59
C ARG A 184 -1.85 -27.64 -2.37
N GLY A 185 -2.41 -26.82 -3.27
CA GLY A 185 -3.80 -26.44 -3.18
C GLY A 185 -4.50 -26.58 -4.53
N THR A 186 -5.83 -26.50 -4.47
CA THR A 186 -6.63 -26.56 -5.69
C THR A 186 -6.31 -25.36 -6.58
N GLU A 187 -6.08 -24.19 -5.97
CA GLU A 187 -5.69 -23.01 -6.72
C GLU A 187 -4.37 -23.23 -7.47
N TYR A 188 -3.45 -23.97 -6.85
CA TYR A 188 -2.17 -24.27 -7.50
C TYR A 188 -2.36 -25.11 -8.76
N GLU A 189 -3.22 -26.13 -8.71
CA GLU A 189 -3.40 -26.99 -9.88
C GLU A 189 -4.21 -26.30 -10.96
N THR A 190 -5.07 -25.35 -10.60
CA THR A 190 -5.77 -24.57 -11.61
C THR A 190 -4.79 -23.65 -12.34
N ALA A 191 -3.87 -23.03 -11.61
CA ALA A 191 -2.84 -22.20 -12.23
C ALA A 191 -1.93 -23.03 -13.13
N LYS A 192 -1.54 -24.22 -12.66
CA LYS A 192 -0.72 -25.16 -13.43
C LYS A 192 -1.38 -25.52 -14.74
N ALA A 193 -2.65 -25.92 -14.64
CA ALA A 193 -3.45 -26.32 -15.78
C ALA A 193 -3.52 -25.20 -16.81
N TYR A 194 -3.61 -23.96 -16.35
CA TYR A 194 -3.63 -22.82 -17.26
C TYR A 194 -2.32 -22.73 -18.04
N TRP A 195 -1.20 -22.99 -17.39
CA TRP A 195 0.10 -22.82 -18.04
C TRP A 195 0.41 -23.97 -19.01
N THR A 196 0.02 -25.21 -18.68
CA THR A 196 0.15 -26.26 -19.69
C THR A 196 -0.86 -26.08 -20.82
N ASN A 197 -1.96 -25.38 -20.54
CA ASN A 197 -2.90 -25.03 -21.61
C ASN A 197 -2.25 -24.11 -22.63
N LYS A 198 -1.39 -23.21 -22.17
CA LYS A 198 -0.67 -22.26 -23.02
C LYS A 198 0.72 -22.75 -23.43
N LEU A 199 1.14 -23.92 -22.97
CA LEU A 199 2.48 -24.42 -23.26
C LEU A 199 2.74 -24.93 -24.67
N PRO A 200 1.81 -25.64 -25.34
CA PRO A 200 2.12 -26.13 -26.68
C PRO A 200 2.28 -25.03 -27.73
N ASP A 201 1.60 -23.89 -27.58
CA ASP A 201 1.64 -22.83 -28.56
C ASP A 201 2.36 -21.59 -28.01
N PHE A 202 3.19 -21.76 -26.99
CA PHE A 202 3.87 -20.65 -26.36
C PHE A 202 5.11 -20.26 -27.16
N PRO A 203 5.24 -19.00 -27.58
CA PRO A 203 6.35 -18.60 -28.46
C PRO A 203 7.68 -18.64 -27.74
N PRO A 204 8.78 -18.71 -28.46
CA PRO A 204 10.10 -18.68 -27.83
C PRO A 204 10.50 -17.26 -27.44
N ALA A 205 11.55 -17.18 -26.62
CA ALA A 205 12.14 -15.90 -26.29
C ALA A 205 12.62 -15.21 -27.57
N PRO A 206 12.71 -13.88 -27.56
CA PRO A 206 13.26 -13.19 -28.74
C PRO A 206 14.67 -13.67 -29.03
N SER A 207 14.87 -14.16 -30.25
CA SER A 207 16.17 -14.67 -30.68
C SER A 207 16.98 -13.49 -31.19
N LEU A 208 17.72 -12.86 -30.30
CA LEU A 208 18.53 -11.72 -30.68
C LEU A 208 19.83 -12.20 -31.32
N LEU A 209 20.53 -11.24 -31.94
CA LEU A 209 21.82 -11.52 -32.55
C LEU A 209 22.88 -11.49 -31.45
N LEU A 210 23.42 -12.64 -31.10
CA LEU A 210 24.41 -12.76 -30.06
C LEU A 210 25.81 -12.74 -30.65
N ALA A 211 26.75 -12.15 -29.90
CA ALA A 211 28.12 -12.06 -30.37
C ALA A 211 28.87 -13.39 -30.28
N LYS A 212 28.43 -14.30 -29.41
CA LYS A 212 29.04 -15.62 -29.31
C LYS A 212 28.03 -16.57 -28.66
N ASP A 213 28.35 -17.85 -28.69
CA ASP A 213 27.50 -18.86 -28.09
C ASP A 213 27.50 -18.71 -26.57
N PRO A 214 26.32 -18.61 -25.93
CA PRO A 214 26.30 -18.50 -24.46
C PRO A 214 26.97 -19.66 -23.75
N ALA A 215 27.09 -20.82 -24.39
CA ALA A 215 27.74 -21.96 -23.75
C ALA A 215 29.22 -21.70 -23.52
N GLU A 216 29.81 -20.81 -24.33
CA GLU A 216 31.24 -20.53 -24.27
C GLU A 216 31.57 -19.27 -23.47
N ILE A 217 30.59 -18.70 -22.77
CA ILE A 217 30.84 -17.45 -22.04
C ILE A 217 31.59 -17.71 -20.75
N GLY A 218 31.21 -18.75 -20.03
CA GLY A 218 31.72 -18.93 -18.67
C GLY A 218 30.90 -18.10 -17.71
N THR A 219 31.59 -17.34 -16.85
CA THR A 219 30.87 -16.51 -15.89
C THR A 219 30.57 -15.15 -16.50
N PRO A 220 29.31 -14.71 -16.51
CA PRO A 220 28.95 -13.45 -17.18
C PRO A 220 29.29 -12.22 -16.37
N ASN A 221 29.65 -11.16 -17.08
CA ASN A 221 29.78 -9.82 -16.52
C ASN A 221 28.73 -8.91 -17.14
N PHE A 222 28.09 -8.09 -16.31
CA PHE A 222 26.98 -7.25 -16.74
C PHE A 222 27.42 -5.81 -16.94
N GLN A 223 26.86 -5.17 -17.96
CA GLN A 223 26.95 -3.74 -18.18
C GLN A 223 25.57 -3.12 -18.02
N SER A 224 25.54 -1.84 -17.63
CA SER A 224 24.30 -1.12 -17.42
C SER A 224 24.25 0.11 -18.30
N LEU A 225 23.12 0.32 -18.96
CA LEU A 225 22.79 1.56 -19.63
C LEU A 225 21.60 2.17 -18.91
N THR A 226 21.76 3.38 -18.39
CA THR A 226 20.78 3.98 -17.52
C THR A 226 20.42 5.38 -18.01
N THR A 227 19.13 5.70 -17.96
CA THR A 227 18.64 7.02 -18.30
C THR A 227 17.46 7.36 -17.41
N ILE A 228 17.14 8.66 -17.34
CA ILE A 228 16.06 9.16 -16.50
C ILE A 228 15.00 9.77 -17.42
N ILE A 229 13.77 9.28 -17.31
CA ILE A 229 12.64 9.92 -17.95
C ILE A 229 12.15 11.02 -17.01
N THR A 230 12.17 12.26 -17.50
CA THR A 230 11.84 13.41 -16.65
C THR A 230 10.40 13.35 -16.15
N LYS A 231 10.13 14.15 -15.10
CA LYS A 231 8.81 14.16 -14.48
C LYS A 231 7.73 14.54 -15.48
N ASP A 232 8.02 15.51 -16.36
CA ASP A 232 7.04 15.93 -17.35
C ASP A 232 6.72 14.81 -18.32
N LYS A 233 7.73 14.08 -18.80
CA LYS A 233 7.49 13.00 -19.74
C LYS A 233 6.80 11.82 -19.08
N TRP A 234 7.21 11.46 -17.86
CA TRP A 234 6.57 10.33 -17.18
C TRP A 234 5.12 10.64 -16.82
N LEU A 235 4.83 11.90 -16.46
CA LEU A 235 3.45 12.31 -16.23
C LEU A 235 2.62 12.16 -17.50
N LYS A 236 3.14 12.63 -18.64
CA LYS A 236 2.40 12.52 -19.89
C LYS A 236 2.18 11.04 -20.28
N LEU A 237 3.16 10.18 -19.99
CA LEU A 237 2.99 8.77 -20.33
C LEU A 237 1.97 8.11 -19.40
N ARG A 238 1.94 8.49 -18.13
CA ARG A 238 0.92 7.95 -17.23
C ARG A 238 -0.47 8.43 -17.62
N ARG A 239 -0.60 9.70 -18.00
CA ARG A 239 -1.89 10.21 -18.45
C ARG A 239 -2.33 9.56 -19.75
N LEU A 240 -1.39 9.29 -20.65
CA LEU A 240 -1.76 8.62 -21.90
C LEU A 240 -2.12 7.16 -21.66
N ALA A 241 -1.42 6.51 -20.72
CA ALA A 241 -1.77 5.15 -20.37
C ALA A 241 -3.18 5.07 -19.78
N GLN A 242 -3.56 6.07 -18.98
CA GLN A 242 -4.90 6.04 -18.41
C GLN A 242 -5.96 6.41 -19.44
N ASP A 243 -5.62 7.28 -20.39
CA ASP A 243 -6.56 7.64 -21.45
C ASP A 243 -6.83 6.45 -22.36
N LYS A 244 -5.84 5.59 -22.56
CA LYS A 244 -6.00 4.40 -23.38
C LYS A 244 -6.38 3.18 -22.55
N GLN A 245 -6.75 3.39 -21.28
CA GLN A 245 -7.24 2.33 -20.40
C GLN A 245 -6.25 1.17 -20.30
N VAL A 246 -4.98 1.50 -20.07
CA VAL A 246 -3.94 0.50 -19.91
C VAL A 246 -3.02 0.92 -18.76
N THR A 247 -2.39 -0.08 -18.15
CA THR A 247 -1.43 0.23 -17.10
C THR A 247 -0.11 0.67 -17.71
N PRO A 248 0.66 1.52 -17.02
CA PRO A 248 1.99 1.87 -17.51
C PRO A 248 2.90 0.67 -17.68
N SER A 249 2.73 -0.37 -16.85
CA SER A 249 3.57 -1.55 -16.97
C SER A 249 3.34 -2.28 -18.29
N ALA A 250 2.07 -2.43 -18.69
CA ALA A 250 1.78 -3.04 -19.99
C ALA A 250 2.28 -2.16 -21.13
N LEU A 251 2.20 -0.84 -20.97
CA LEU A 251 2.68 0.07 -22.01
C LEU A 251 4.18 -0.08 -22.22
N LEU A 252 4.96 0.04 -21.13
CA LEU A 252 6.41 -0.07 -21.25
C LEU A 252 6.83 -1.45 -21.70
N CYS A 253 6.08 -2.48 -21.31
CA CYS A 253 6.40 -3.84 -21.74
C CYS A 253 6.13 -4.02 -23.24
N THR A 254 5.10 -3.36 -23.76
CA THR A 254 4.81 -3.46 -25.19
C THR A 254 5.83 -2.70 -26.02
N VAL A 255 6.31 -1.55 -25.52
CA VAL A 255 7.41 -0.86 -26.18
C VAL A 255 8.65 -1.74 -26.20
N TYR A 256 8.94 -2.40 -25.07
CA TYR A 256 10.02 -3.39 -25.00
C TYR A 256 9.86 -4.44 -26.09
N GLY A 257 8.67 -5.01 -26.22
CA GLY A 257 8.42 -6.04 -27.22
C GLY A 257 8.62 -5.54 -28.64
N GLU A 258 8.28 -4.28 -28.91
CA GLU A 258 8.48 -3.72 -30.25
C GLU A 258 9.95 -3.70 -30.61
N VAL A 259 10.79 -3.22 -29.70
CA VAL A 259 12.23 -3.19 -29.94
C VAL A 259 12.78 -4.62 -30.07
N LEU A 260 12.28 -5.53 -29.23
CA LEU A 260 12.75 -6.91 -29.28
C LEU A 260 12.33 -7.60 -30.57
N ALA A 261 11.09 -7.38 -31.02
CA ALA A 261 10.64 -8.00 -32.27
C ALA A 261 11.42 -7.45 -33.46
N PHE A 262 11.71 -6.15 -33.46
CA PHE A 262 12.46 -5.54 -34.55
C PHE A 262 13.85 -6.15 -34.67
N TRP A 263 14.57 -6.22 -33.55
CA TRP A 263 15.95 -6.68 -33.57
C TRP A 263 16.08 -8.21 -33.67
N SER A 264 15.02 -8.95 -33.36
CA SER A 264 15.05 -10.40 -33.47
C SER A 264 14.39 -10.91 -34.76
N ASN A 265 13.78 -10.03 -35.55
CA ASN A 265 13.07 -10.42 -36.76
C ASN A 265 12.02 -11.50 -36.46
N GLN A 266 11.33 -11.32 -35.34
CA GLN A 266 10.32 -12.25 -34.87
C GLN A 266 8.97 -11.55 -34.80
N ARG A 267 7.91 -12.35 -34.84
CA ARG A 267 6.53 -11.86 -34.69
C ARG A 267 5.99 -12.09 -33.29
N ARG A 268 6.03 -13.34 -32.81
CA ARG A 268 5.57 -13.68 -31.47
C ARG A 268 6.79 -14.02 -30.61
N LEU A 269 6.85 -13.46 -29.41
CA LEU A 269 8.00 -13.65 -28.53
C LEU A 269 7.52 -13.71 -27.08
N ALA A 270 8.35 -14.33 -26.24
CA ALA A 270 8.09 -14.47 -24.81
C ALA A 270 9.06 -13.63 -23.98
N ILE A 271 8.50 -12.73 -23.18
CA ILE A 271 9.27 -11.88 -22.27
C ILE A 271 9.12 -12.43 -20.85
N ASN A 272 10.25 -12.55 -20.14
CA ASN A 272 10.26 -12.97 -18.73
C ASN A 272 9.98 -11.77 -17.85
N LEU A 273 8.75 -11.69 -17.33
CA LEU A 273 8.33 -10.56 -16.52
C LEU A 273 8.54 -10.84 -15.03
N THR A 274 9.25 -9.93 -14.36
CA THR A 274 9.55 -10.05 -12.94
C THR A 274 8.75 -9.01 -12.17
N VAL A 275 7.91 -9.47 -11.25
CA VAL A 275 7.07 -8.61 -10.43
C VAL A 275 7.25 -8.98 -8.96
N PHE A 276 6.84 -8.05 -8.09
CA PHE A 276 7.01 -8.22 -6.64
C PHE A 276 5.69 -8.15 -5.89
N ASN A 277 4.57 -8.42 -6.55
CA ASN A 277 3.28 -8.44 -5.89
C ASN A 277 3.25 -9.56 -4.84
N ARG A 278 2.73 -9.23 -3.67
CA ARG A 278 2.69 -10.16 -2.54
C ARG A 278 1.27 -10.69 -2.34
N TYR A 279 1.16 -12.00 -2.15
CA TYR A 279 -0.14 -12.58 -1.80
C TYR A 279 -0.64 -11.96 -0.50
N PRO A 280 -1.93 -11.58 -0.42
CA PRO A 280 -2.49 -10.97 0.81
C PRO A 280 -2.80 -12.01 1.88
N VAL A 281 -1.75 -12.66 2.39
CA VAL A 281 -1.92 -13.73 3.38
C VAL A 281 -1.90 -13.22 4.81
N HIS A 282 -1.66 -11.93 5.02
CA HIS A 282 -1.61 -11.34 6.36
C HIS A 282 -1.69 -9.83 6.20
N ASP A 283 -2.21 -9.15 7.22
CA ASP A 283 -2.39 -7.70 7.15
C ASP A 283 -1.05 -6.98 7.02
N GLU A 284 0.02 -7.58 7.52
CA GLU A 284 1.33 -6.94 7.57
C GLU A 284 2.28 -7.46 6.50
N VAL A 285 1.77 -8.17 5.49
CA VAL A 285 2.62 -8.80 4.49
C VAL A 285 3.38 -7.76 3.65
N GLU A 286 2.81 -6.57 3.49
CA GLU A 286 3.48 -5.51 2.73
C GLU A 286 4.47 -4.74 3.57
N GLN A 287 4.74 -5.22 4.79
CA GLN A 287 5.60 -4.52 5.72
C GLN A 287 6.88 -5.26 6.06
N ILE A 288 7.03 -6.51 5.64
CA ILE A 288 8.13 -7.34 6.07
C ILE A 288 9.18 -7.43 4.96
N VAL A 289 10.41 -7.69 5.37
CA VAL A 289 11.53 -7.83 4.45
C VAL A 289 11.68 -9.30 4.07
N GLY A 290 11.77 -9.57 2.78
CA GLY A 290 11.91 -10.93 2.30
C GLY A 290 11.93 -10.97 0.79
N ASP A 291 11.80 -12.18 0.25
CA ASP A 291 11.72 -12.39 -1.19
C ASP A 291 10.31 -12.77 -1.58
N PHE A 292 9.67 -11.90 -2.36
CA PHE A 292 8.32 -12.15 -2.89
C PHE A 292 8.31 -12.10 -4.41
N THR A 293 9.47 -12.36 -5.03
CA THR A 293 9.59 -12.27 -6.48
C THR A 293 8.71 -13.29 -7.18
N SER A 294 7.93 -12.81 -8.15
CA SER A 294 7.08 -13.65 -8.98
C SER A 294 7.50 -13.50 -10.43
N LEU A 295 7.75 -14.63 -11.10
CA LEU A 295 8.06 -14.61 -12.53
C LEU A 295 6.86 -15.08 -13.33
N ILE A 296 6.53 -14.33 -14.38
CA ILE A 296 5.44 -14.64 -15.29
C ILE A 296 6.00 -14.54 -16.71
N LEU A 297 5.76 -15.57 -17.52
CA LEU A 297 6.23 -15.55 -18.90
C LEU A 297 5.15 -14.95 -19.78
N LEU A 298 5.48 -13.81 -20.40
CA LEU A 298 4.52 -13.00 -21.12
C LEU A 298 4.49 -13.44 -22.59
N ASP A 299 3.38 -14.06 -22.99
CA ASP A 299 3.10 -14.34 -24.40
C ASP A 299 2.69 -13.04 -25.10
N MET A 300 3.50 -12.59 -26.07
CA MET A 300 3.25 -11.35 -26.79
C MET A 300 3.33 -11.54 -28.30
N ASP A 301 2.36 -10.97 -29.02
CA ASP A 301 2.29 -11.00 -30.48
C ASP A 301 2.50 -9.58 -30.99
N MET A 302 3.72 -9.28 -31.45
CA MET A 302 4.08 -7.93 -31.85
C MET A 302 3.74 -7.64 -33.32
N ASP A 303 4.32 -8.41 -34.24
CA ASP A 303 4.09 -8.19 -35.66
C ASP A 303 2.62 -8.33 -36.03
N GLN A 304 1.85 -7.25 -35.91
CA GLN A 304 0.42 -7.26 -36.20
C GLN A 304 0.07 -6.05 -37.05
N LYS A 305 -1.10 -6.13 -37.69
CA LYS A 305 -1.68 -4.98 -38.38
C LYS A 305 -2.40 -4.04 -37.44
N GLN A 306 -2.40 -4.33 -36.14
CA GLN A 306 -3.18 -3.56 -35.19
C GLN A 306 -2.44 -2.28 -34.79
N PRO A 307 -3.18 -1.24 -34.40
CA PRO A 307 -2.56 -0.08 -33.78
C PRO A 307 -1.79 -0.48 -32.53
N PHE A 308 -0.79 0.34 -32.19
CA PHE A 308 0.09 0.04 -31.05
C PHE A 308 -0.70 -0.22 -29.78
N PHE A 309 -1.63 0.67 -29.43
CA PHE A 309 -2.36 0.53 -28.18
C PHE A 309 -3.32 -0.65 -28.18
N THR A 310 -3.75 -1.13 -29.36
CA THR A 310 -4.46 -2.39 -29.40
C THR A 310 -3.56 -3.51 -28.88
N LYS A 311 -2.30 -3.53 -29.31
CA LYS A 311 -1.36 -4.52 -28.79
C LYS A 311 -1.08 -4.31 -27.31
N VAL A 312 -1.11 -3.05 -26.84
CA VAL A 312 -0.93 -2.80 -25.42
C VAL A 312 -2.06 -3.43 -24.62
N GLU A 313 -3.28 -3.36 -25.14
CA GLU A 313 -4.43 -3.96 -24.47
C GLU A 313 -4.25 -5.47 -24.38
N GLN A 314 -3.76 -6.08 -25.46
CA GLN A 314 -3.51 -7.53 -25.43
C GLN A 314 -2.44 -7.87 -24.39
N THR A 315 -1.36 -7.07 -24.35
CA THR A 315 -0.34 -7.28 -23.32
C THR A 315 -0.93 -7.12 -21.92
N GLN A 316 -1.82 -6.16 -21.74
CA GLN A 316 -2.49 -5.98 -20.46
C GLN A 316 -3.34 -7.19 -20.10
N SER A 317 -4.17 -7.65 -21.04
CA SER A 317 -5.01 -8.81 -20.80
C SER A 317 -4.17 -10.04 -20.48
N THR A 318 -3.17 -10.34 -21.33
CA THR A 318 -2.26 -11.45 -21.07
C THR A 318 -1.62 -11.34 -19.69
N LEU A 319 -1.19 -10.12 -19.31
CA LEU A 319 -0.51 -9.94 -18.03
C LEU A 319 -1.42 -10.26 -16.86
N LEU A 320 -2.67 -9.78 -16.89
CA LEU A 320 -3.58 -10.04 -15.78
C LEU A 320 -3.97 -11.51 -15.69
N ASP A 321 -4.15 -12.17 -16.84
CA ASP A 321 -4.36 -13.62 -16.82
C ASP A 321 -3.15 -14.33 -16.23
N GLY A 322 -1.95 -13.83 -16.50
CA GLY A 322 -0.76 -14.39 -15.87
C GLY A 322 -0.78 -14.22 -14.37
N LEU A 323 -1.16 -13.03 -13.89
CA LEU A 323 -1.21 -12.79 -12.45
C LEU A 323 -2.27 -13.63 -11.76
N GLU A 324 -3.36 -13.98 -12.43
CA GLU A 324 -4.35 -14.81 -11.74
C GLU A 324 -3.99 -16.27 -11.74
N HIS A 325 -2.82 -16.64 -12.28
CA HIS A 325 -2.32 -18.00 -12.16
C HIS A 325 -0.84 -17.99 -11.76
N ARG A 326 -0.41 -16.96 -11.04
CA ARG A 326 0.97 -16.86 -10.61
C ARG A 326 1.32 -17.88 -9.53
N HIS A 327 0.33 -18.52 -8.90
CA HIS A 327 0.65 -19.51 -7.86
C HIS A 327 1.48 -20.65 -8.41
N TYR A 328 1.43 -20.89 -9.71
CA TYR A 328 2.40 -21.73 -10.40
C TYR A 328 3.47 -20.80 -10.95
N ASP A 329 4.64 -20.80 -10.33
CA ASP A 329 5.61 -19.73 -10.58
C ASP A 329 6.35 -19.96 -11.90
N GLY A 330 6.94 -18.88 -12.42
CA GLY A 330 7.57 -18.94 -13.72
C GLY A 330 8.78 -19.86 -13.81
N VAL A 331 9.46 -20.10 -12.68
CA VAL A 331 10.58 -21.03 -12.71
C VAL A 331 10.10 -22.43 -13.05
N GLU A 332 8.96 -22.83 -12.48
CA GLU A 332 8.40 -24.15 -12.80
C GLU A 332 7.91 -24.22 -14.23
N PHE A 333 7.25 -23.15 -14.71
CA PHE A 333 6.79 -23.15 -16.09
C PHE A 333 7.97 -23.10 -17.05
N ILE A 334 9.03 -22.37 -16.68
CA ILE A 334 10.23 -22.36 -17.51
C ILE A 334 10.77 -23.78 -17.68
N ARG A 335 10.92 -24.50 -16.57
CA ARG A 335 11.41 -25.88 -16.66
C ARG A 335 10.45 -26.76 -17.46
N ASP A 336 9.14 -26.51 -17.32
CA ASP A 336 8.19 -27.18 -18.20
C ASP A 336 8.53 -26.91 -19.66
N TYR A 337 8.89 -25.68 -19.98
CA TYR A 337 9.26 -25.33 -21.36
C TYR A 337 10.54 -26.03 -21.78
N THR A 338 11.55 -26.10 -20.90
CA THR A 338 12.80 -26.77 -21.25
C THR A 338 12.58 -28.22 -21.61
N ARG A 339 12.01 -29.00 -20.68
CA ARG A 339 11.85 -30.43 -20.90
C ARG A 339 10.90 -30.72 -22.05
N TYR A 340 9.83 -29.93 -22.18
CA TYR A 340 8.86 -30.17 -23.24
C TYR A 340 9.40 -29.78 -24.60
N HIS A 341 10.30 -28.79 -24.65
CA HIS A 341 10.93 -28.36 -25.89
C HIS A 341 12.33 -28.91 -26.12
N GLN A 342 12.79 -29.92 -25.38
CA GLN A 342 14.06 -30.58 -25.77
C GLN A 342 15.28 -29.64 -25.60
N MET A 343 15.26 -28.80 -24.56
CA MET A 343 16.19 -27.67 -24.50
C MET A 343 17.28 -27.70 -23.42
N ARG A 344 17.89 -28.85 -23.14
CA ARG A 344 19.27 -28.91 -22.68
C ARG A 344 19.60 -28.06 -21.44
N PRO A 345 20.90 -27.83 -21.08
CA PRO A 345 21.21 -26.94 -19.95
C PRO A 345 21.26 -25.43 -20.26
N LYS A 346 20.65 -24.95 -21.35
CA LYS A 346 20.80 -23.55 -21.72
C LYS A 346 19.84 -22.65 -20.92
N ALA A 347 20.10 -21.34 -21.00
CA ALA A 347 19.19 -20.35 -20.43
C ALA A 347 18.02 -20.15 -21.38
N VAL A 348 16.82 -20.47 -20.91
CA VAL A 348 15.67 -20.68 -21.77
C VAL A 348 14.91 -19.39 -22.06
N MET A 349 14.59 -18.61 -21.03
CA MET A 349 13.85 -17.36 -21.16
C MET A 349 14.71 -16.23 -20.59
N PRO A 350 15.76 -15.83 -21.32
CA PRO A 350 16.75 -14.90 -20.76
C PRO A 350 16.53 -13.43 -21.07
N ILE A 351 15.38 -13.06 -21.66
CA ILE A 351 15.04 -11.66 -21.92
C ILE A 351 14.02 -11.25 -20.86
N VAL A 352 14.41 -10.31 -20.00
CA VAL A 352 13.67 -10.04 -18.77
C VAL A 352 13.22 -8.59 -18.75
N PHE A 353 11.99 -8.38 -18.27
CA PHE A 353 11.47 -7.05 -17.94
C PHE A 353 11.18 -7.02 -16.45
N THR A 354 11.86 -6.14 -15.72
CA THR A 354 11.72 -6.02 -14.27
C THR A 354 11.02 -4.70 -13.96
N SER A 355 9.79 -4.78 -13.46
CA SER A 355 8.96 -3.61 -13.21
C SER A 355 9.00 -3.30 -11.71
N MET A 356 9.56 -2.14 -11.37
CA MET A 356 9.49 -1.62 -10.01
C MET A 356 8.72 -0.31 -10.02
N LEU A 357 7.50 -0.36 -10.54
CA LEU A 357 6.61 0.80 -10.57
C LEU A 357 5.85 0.87 -9.25
N ALA A 358 5.89 2.02 -8.60
CA ALA A 358 5.33 2.17 -7.26
C ALA A 358 3.95 2.83 -7.25
N GLY A 359 3.36 3.11 -8.41
CA GLY A 359 2.07 3.76 -8.46
C GLY A 359 2.06 5.14 -7.82
N ALA A 360 2.91 6.04 -8.34
CA ALA A 360 3.06 7.39 -7.77
C ALA A 360 3.44 7.32 -6.30
N GLY A 361 4.30 6.37 -5.96
CA GLY A 361 4.78 6.22 -4.60
C GLY A 361 6.22 6.64 -4.47
N ALA A 362 6.66 6.91 -3.24
CA ALA A 362 8.00 7.42 -3.02
C ALA A 362 9.05 6.32 -3.12
N PHE A 363 10.24 6.70 -3.56
CA PHE A 363 11.42 5.85 -3.51
C PHE A 363 12.27 6.37 -2.36
N ALA A 364 12.29 5.62 -1.26
CA ALA A 364 12.83 6.15 0.00
C ALA A 364 14.30 6.50 -0.13
N TRP A 365 15.07 5.70 -0.87
CA TRP A 365 16.51 5.94 -0.99
C TRP A 365 16.83 7.25 -1.68
N GLU A 366 15.90 7.81 -2.47
CA GLU A 366 16.17 9.10 -3.11
C GLU A 366 16.34 10.22 -2.10
N GLU A 367 15.81 10.07 -0.88
CA GLU A 367 16.05 11.07 0.15
C GLU A 367 17.51 11.10 0.59
N ILE A 368 18.26 10.03 0.32
CA ILE A 368 19.67 10.00 0.70
C ILE A 368 20.46 11.04 -0.09
N GLY A 369 20.17 11.17 -1.38
CA GLY A 369 20.86 12.14 -2.22
C GLY A 369 20.63 11.95 -3.70
N SER A 370 21.67 12.16 -4.49
CA SER A 370 21.59 12.04 -5.95
C SER A 370 22.12 10.68 -6.38
N LEU A 371 21.30 9.93 -7.10
CA LEU A 371 21.71 8.63 -7.62
C LEU A 371 22.81 8.78 -8.66
N ARG A 372 23.90 8.04 -8.48
CA ARG A 372 25.05 8.10 -9.38
C ARG A 372 25.20 6.90 -10.29
N HIS A 373 24.80 5.71 -9.84
CA HIS A 373 24.96 4.50 -10.62
C HIS A 373 24.06 3.41 -10.08
N ILE A 374 23.69 2.48 -10.96
CA ILE A 374 22.93 1.29 -10.58
C ILE A 374 23.35 0.15 -11.49
N HIS A 375 23.47 -1.04 -10.91
CA HIS A 375 23.93 -2.22 -11.63
C HIS A 375 23.18 -3.44 -11.12
N ALA A 376 22.84 -4.36 -12.02
CA ALA A 376 22.08 -5.54 -11.67
C ALA A 376 22.61 -6.74 -12.43
N ARG A 377 22.88 -7.83 -11.70
CA ARG A 377 23.38 -9.08 -12.23
C ARG A 377 22.42 -10.21 -11.87
N THR A 378 22.16 -11.10 -12.81
CA THR A 378 21.30 -12.26 -12.55
C THR A 378 21.80 -13.43 -13.38
N PRO A 379 21.78 -14.66 -12.85
CA PRO A 379 22.17 -15.81 -13.65
C PRO A 379 21.13 -16.16 -14.70
N GLN A 380 21.63 -16.68 -15.83
CA GLN A 380 20.78 -17.20 -16.91
C GLN A 380 19.88 -16.11 -17.51
N VAL A 381 20.44 -14.91 -17.67
CA VAL A 381 19.71 -13.77 -18.22
C VAL A 381 20.62 -13.06 -19.20
N TYR A 382 20.16 -12.91 -20.45
CA TYR A 382 20.92 -12.14 -21.42
C TYR A 382 20.77 -10.65 -21.17
N LEU A 383 19.53 -10.20 -20.98
CA LEU A 383 19.19 -8.78 -20.95
C LEU A 383 18.07 -8.57 -19.95
N ASP A 384 18.24 -7.60 -19.07
CA ASP A 384 17.25 -7.27 -18.03
C ASP A 384 16.90 -5.80 -18.14
N ASN A 385 15.67 -5.51 -18.55
CA ASN A 385 15.15 -4.15 -18.61
C ASN A 385 14.46 -3.82 -17.30
N VAL A 386 15.11 -3.01 -16.46
CA VAL A 386 14.58 -2.64 -15.15
C VAL A 386 14.06 -1.21 -15.23
N VAL A 387 12.79 -1.01 -14.89
CA VAL A 387 12.18 0.31 -14.83
C VAL A 387 11.75 0.57 -13.38
N ILE A 388 12.21 1.68 -12.82
CA ILE A 388 11.99 2.02 -11.43
C ILE A 388 11.36 3.40 -11.37
N GLU A 389 10.18 3.48 -10.76
CA GLU A 389 9.57 4.78 -10.51
C GLU A 389 10.36 5.48 -9.40
N LYS A 390 10.94 6.63 -9.72
CA LYS A 390 11.89 7.32 -8.84
C LYS A 390 11.32 8.70 -8.54
N ASN A 391 10.37 8.75 -7.61
CA ASN A 391 9.76 9.99 -7.14
C ASN A 391 9.29 10.86 -8.30
N GLY A 392 8.37 10.30 -9.08
CA GLY A 392 7.82 10.99 -10.23
C GLY A 392 8.61 10.83 -11.52
N GLU A 393 9.89 10.48 -11.43
CA GLU A 393 10.65 10.18 -12.64
C GLU A 393 10.66 8.68 -12.88
N LEU A 394 10.95 8.30 -14.11
CA LEU A 394 11.13 6.90 -14.48
C LEU A 394 12.61 6.67 -14.79
N LEU A 395 13.24 5.81 -13.99
CA LEU A 395 14.62 5.41 -14.28
C LEU A 395 14.58 4.09 -15.04
N VAL A 396 15.30 4.06 -16.16
CA VAL A 396 15.34 2.92 -17.06
C VAL A 396 16.77 2.42 -17.09
N SER A 397 16.97 1.16 -16.72
CA SER A 397 18.31 0.57 -16.61
C SER A 397 18.31 -0.76 -17.35
N TRP A 398 19.11 -0.85 -18.41
CA TRP A 398 19.26 -2.07 -19.16
C TRP A 398 20.56 -2.77 -18.73
N ASN A 399 20.42 -3.98 -18.19
CA ASN A 399 21.56 -4.77 -17.75
C ASN A 399 21.69 -5.98 -18.67
N TYR A 400 22.84 -6.10 -19.33
CA TYR A 400 23.07 -7.15 -20.32
C TYR A 400 24.43 -7.80 -20.10
N VAL A 401 24.55 -9.04 -20.54
CA VAL A 401 25.80 -9.77 -20.47
C VAL A 401 26.77 -9.16 -21.48
N GLU A 402 27.89 -8.64 -21.00
CA GLU A 402 28.80 -7.88 -21.85
C GLU A 402 29.43 -8.76 -22.93
N GLU A 403 29.81 -9.98 -22.58
CA GLU A 403 30.44 -10.87 -23.56
C GLU A 403 29.46 -11.32 -24.64
N LEU A 404 28.16 -11.14 -24.44
CA LEU A 404 27.14 -11.68 -25.33
C LEU A 404 26.64 -10.68 -26.36
N PHE A 405 26.91 -9.39 -26.21
CA PHE A 405 26.35 -8.38 -27.09
C PHE A 405 27.41 -7.34 -27.48
N ASP A 406 27.38 -6.93 -28.74
CA ASP A 406 28.12 -5.75 -29.16
C ASP A 406 27.59 -4.53 -28.43
N ALA A 407 28.50 -3.75 -27.85
CA ALA A 407 28.08 -2.58 -27.06
C ALA A 407 27.32 -1.56 -27.90
N GLU A 408 27.66 -1.44 -29.18
CA GLU A 408 27.00 -0.46 -30.04
C GLU A 408 25.59 -0.90 -30.40
N VAL A 409 25.40 -2.20 -30.60
CA VAL A 409 24.06 -2.72 -30.88
C VAL A 409 23.16 -2.53 -29.66
N MET A 410 23.69 -2.84 -28.47
CA MET A 410 22.92 -2.66 -27.25
C MET A 410 22.55 -1.20 -27.04
N GLU A 411 23.51 -0.29 -27.24
CA GLU A 411 23.21 1.14 -27.13
C GLU A 411 22.17 1.56 -28.16
N SER A 412 22.16 0.92 -29.34
CA SER A 412 21.18 1.26 -30.36
C SER A 412 19.78 0.80 -29.97
N MET A 413 19.67 -0.42 -29.44
CA MET A 413 18.36 -0.91 -28.98
C MET A 413 17.85 -0.07 -27.82
N PHE A 414 18.74 0.27 -26.88
CA PHE A 414 18.36 1.09 -25.73
C PHE A 414 17.87 2.46 -26.19
N THR A 415 18.61 3.09 -27.10
CA THR A 415 18.21 4.40 -27.60
C THR A 415 16.88 4.35 -28.34
N GLN A 416 16.59 3.25 -29.04
CA GLN A 416 15.32 3.18 -29.75
C GLN A 416 14.15 2.97 -28.78
N PHE A 417 14.39 2.22 -27.71
CA PHE A 417 13.38 2.10 -26.65
C PHE A 417 13.05 3.46 -26.07
N VAL A 418 14.06 4.24 -25.69
CA VAL A 418 13.83 5.57 -25.12
C VAL A 418 13.16 6.49 -26.14
N GLU A 419 13.55 6.39 -27.40
CA GLU A 419 12.99 7.28 -28.42
C GLU A 419 11.52 6.95 -28.70
N LEU A 420 11.13 5.68 -28.58
CA LEU A 420 9.73 5.34 -28.74
C LEU A 420 8.88 5.88 -27.59
N LEU A 421 9.48 6.00 -26.40
CA LEU A 421 8.79 6.67 -25.30
C LEU A 421 8.60 8.15 -25.61
N ASP A 422 9.62 8.79 -26.20
CA ASP A 422 9.49 10.18 -26.63
C ASP A 422 8.39 10.33 -27.66
N GLN A 423 8.29 9.39 -28.62
CA GLN A 423 7.24 9.46 -29.62
C GLN A 423 5.86 9.44 -28.98
N LEU A 424 5.65 8.53 -28.04
CA LEU A 424 4.35 8.46 -27.37
C LEU A 424 4.06 9.72 -26.56
N VAL A 425 5.11 10.40 -26.07
CA VAL A 425 4.92 11.62 -25.31
C VAL A 425 4.48 12.76 -26.22
N GLU A 426 4.95 12.74 -27.47
CA GLU A 426 4.66 13.81 -28.42
C GLU A 426 3.36 13.58 -29.17
N GLN A 427 3.28 12.48 -29.93
CA GLN A 427 2.14 12.23 -30.80
C GLN A 427 1.10 11.29 -30.21
N GLY A 428 1.36 10.71 -29.03
CA GLY A 428 0.42 9.74 -28.50
C GLY A 428 0.44 8.40 -29.20
N ASP A 429 1.45 8.14 -30.01
CA ASP A 429 1.58 6.90 -30.76
C ASP A 429 3.04 6.77 -31.19
N ILE A 430 3.34 5.67 -31.89
CA ILE A 430 4.69 5.40 -32.34
C ILE A 430 4.73 5.29 -33.86
N ASN A 431 5.90 5.54 -34.41
CA ASN A 431 6.22 5.43 -35.82
C ASN A 431 6.77 4.05 -36.14
N PRO A 432 6.66 3.62 -37.40
CA PRO A 432 7.32 2.39 -37.82
C PRO A 432 8.78 2.37 -37.36
N LEU A 433 9.19 1.23 -36.81
CA LEU A 433 10.52 1.15 -36.21
C LEU A 433 11.59 1.18 -37.29
N ARG A 434 12.54 2.12 -37.13
CA ARG A 434 13.71 2.22 -37.99
C ARG A 434 14.93 2.40 -37.10
N ILE A 435 16.12 2.29 -37.69
CA ILE A 435 17.33 2.34 -36.89
C ILE A 435 17.57 3.77 -36.40
N SER A 436 18.13 3.88 -35.21
CA SER A 436 18.29 5.17 -34.52
C SER A 436 19.03 6.20 -35.35
N ASP B 3 -13.28 19.52 -18.52
CA ASP B 3 -12.05 19.80 -17.77
C ASP B 3 -12.13 19.23 -16.36
N LEU B 4 -11.25 19.72 -15.49
CA LEU B 4 -11.19 19.23 -14.12
C LEU B 4 -12.36 19.72 -13.27
N SER B 5 -13.03 20.80 -13.66
CA SER B 5 -14.02 21.43 -12.82
C SER B 5 -15.45 21.12 -13.24
N GLU B 6 -15.66 20.04 -14.00
CA GLU B 6 -17.07 19.78 -14.21
C GLU B 6 -17.64 18.95 -13.06
N PRO B 7 -18.91 19.14 -12.70
CA PRO B 7 -19.49 18.32 -11.64
C PRO B 7 -19.57 16.87 -12.08
N PHE B 8 -19.30 15.97 -11.14
CA PHE B 8 -19.35 14.54 -11.41
C PHE B 8 -20.10 13.84 -10.29
N SER B 9 -20.33 12.55 -10.48
CA SER B 9 -21.25 11.81 -9.63
C SER B 9 -20.69 11.63 -8.22
N LEU B 10 -21.61 11.45 -7.28
CA LEU B 10 -21.28 11.07 -5.91
C LEU B 10 -21.29 9.56 -5.79
N THR B 11 -20.48 9.04 -4.87
CA THR B 11 -20.63 7.65 -4.49
C THR B 11 -21.98 7.45 -3.81
N GLU B 12 -22.37 6.19 -3.66
CA GLU B 12 -23.64 5.90 -3.02
C GLU B 12 -23.60 6.18 -1.52
N VAL B 13 -22.41 6.09 -0.91
CA VAL B 13 -22.27 6.50 0.48
C VAL B 13 -22.37 8.02 0.59
N GLN B 14 -21.72 8.75 -0.31
CA GLN B 14 -21.84 10.21 -0.32
C GLN B 14 -23.29 10.64 -0.49
N THR B 15 -24.04 9.96 -1.36
CA THR B 15 -25.44 10.29 -1.55
C THR B 15 -26.24 10.03 -0.28
N ALA B 16 -26.00 8.90 0.38
CA ALA B 16 -26.65 8.62 1.66
C ALA B 16 -26.32 9.68 2.69
N TYR B 17 -25.06 10.15 2.70
CA TYR B 17 -24.69 11.23 3.62
C TYR B 17 -25.49 12.49 3.34
N MET B 18 -25.69 12.82 2.06
CA MET B 18 -26.49 13.99 1.72
C MET B 18 -27.95 13.81 2.13
N LEU B 19 -28.46 12.58 2.08
CA LEU B 19 -29.82 12.33 2.54
C LEU B 19 -29.92 12.40 4.06
N GLY B 20 -28.82 12.19 4.78
CA GLY B 20 -28.82 12.30 6.23
C GLY B 20 -28.88 13.71 6.76
N ARG B 21 -28.73 14.72 5.90
CA ARG B 21 -28.86 16.10 6.33
C ARG B 21 -30.31 16.53 6.53
N ASN B 22 -31.28 15.72 6.07
CA ASN B 22 -32.69 16.09 6.14
C ASN B 22 -33.27 15.62 7.46
N PRO B 23 -33.81 16.51 8.29
CA PRO B 23 -34.30 16.09 9.61
C PRO B 23 -35.59 15.30 9.58
N GLN B 24 -36.21 15.08 8.42
CA GLN B 24 -37.45 14.32 8.36
C GLN B 24 -37.20 12.83 8.57
N PHE B 25 -35.96 12.38 8.44
CA PHE B 25 -35.60 11.01 8.80
C PHE B 25 -35.13 11.00 10.24
N GLU B 26 -35.33 9.86 10.91
CA GLU B 26 -34.93 9.77 12.30
C GLU B 26 -33.41 9.71 12.42
N LEU B 27 -32.90 10.32 13.49
CA LEU B 27 -31.47 10.41 13.74
C LEU B 27 -30.73 11.02 12.56
N SER B 28 -31.32 12.04 11.97
CA SER B 28 -30.74 12.72 10.81
C SER B 28 -30.67 14.22 11.12
N GLY B 29 -30.55 15.02 10.07
CA GLY B 29 -30.39 16.45 10.23
C GLY B 29 -28.98 16.90 10.51
N ILE B 30 -27.98 16.05 10.28
CA ILE B 30 -26.57 16.40 10.45
C ILE B 30 -25.75 15.75 9.35
N SER B 31 -24.60 16.31 9.13
CA SER B 31 -23.66 15.66 8.23
C SER B 31 -22.68 14.82 9.04
N PRO B 32 -22.20 13.71 8.49
CA PRO B 32 -21.19 12.93 9.22
C PRO B 32 -19.89 13.70 9.33
N GLN B 33 -19.25 13.62 10.50
CA GLN B 33 -18.13 14.48 10.78
C GLN B 33 -17.20 13.79 11.77
N THR B 34 -15.92 14.14 11.69
CA THR B 34 -14.91 13.65 12.62
C THR B 34 -14.15 14.84 13.19
N TYR B 35 -13.88 14.79 14.49
CA TYR B 35 -13.20 15.86 15.20
C TYR B 35 -12.16 15.24 16.12
N PHE B 36 -10.98 15.84 16.18
CA PHE B 36 -10.01 15.42 17.18
C PHE B 36 -9.10 16.59 17.56
N GLU B 37 -8.47 16.45 18.71
CA GLU B 37 -7.59 17.47 19.28
C GLU B 37 -6.23 16.86 19.56
N TYR B 38 -5.18 17.61 19.22
CA TYR B 38 -3.81 17.21 19.54
C TYR B 38 -3.15 18.35 20.31
N GLU B 39 -2.49 18.00 21.41
CA GLU B 39 -1.63 18.94 22.11
C GLU B 39 -0.25 18.88 21.46
N THR B 40 0.18 20.00 20.89
CA THR B 40 1.36 20.03 20.06
C THR B 40 2.32 21.12 20.51
N GLU B 41 3.59 20.93 20.21
CA GLU B 41 4.61 21.96 20.39
C GLU B 41 5.30 22.31 19.07
N LEU B 42 4.70 21.94 17.95
CA LEU B 42 5.27 22.25 16.65
C LEU B 42 5.02 23.72 16.29
N ASP B 43 5.66 24.14 15.20
CA ASP B 43 5.54 25.52 14.73
C ASP B 43 4.25 25.64 13.92
N ILE B 44 3.27 26.35 14.48
CA ILE B 44 1.95 26.43 13.84
C ILE B 44 2.05 27.11 12.49
N ALA B 45 2.93 28.11 12.38
CA ALA B 45 3.09 28.80 11.10
C ALA B 45 3.62 27.87 10.02
N ARG B 46 4.62 27.04 10.37
CA ARG B 46 5.10 26.04 9.42
C ARG B 46 4.02 25.01 9.10
N LEU B 47 3.24 24.60 10.11
CA LEU B 47 2.13 23.69 9.85
C LEU B 47 1.11 24.32 8.90
N SER B 48 0.84 25.61 9.06
CA SER B 48 -0.13 26.29 8.21
C SER B 48 0.35 26.34 6.77
N ARG B 49 1.62 26.71 6.58
CA ARG B 49 2.20 26.73 5.23
C ARG B 49 2.18 25.33 4.61
N SER B 50 2.54 24.31 5.40
CA SER B 50 2.51 22.94 4.91
C SER B 50 1.10 22.52 4.51
N PHE B 51 0.10 22.91 5.31
CA PHE B 51 -1.28 22.54 5.00
C PHE B 51 -1.74 23.15 3.68
N GLN B 52 -1.27 24.37 3.37
CA GLN B 52 -1.59 24.98 2.08
C GLN B 52 -1.11 24.12 0.92
N LYS B 53 0.10 23.56 1.02
CA LYS B 53 0.61 22.73 -0.05
C LYS B 53 -0.12 21.38 -0.11
N VAL B 54 -0.60 20.88 1.03
CA VAL B 54 -1.43 19.68 1.02
C VAL B 54 -2.73 19.94 0.29
N ILE B 55 -3.36 21.10 0.56
CA ILE B 55 -4.62 21.43 -0.10
C ILE B 55 -4.41 21.57 -1.60
N GLN B 56 -3.27 22.12 -2.01
CA GLN B 56 -3.00 22.26 -3.43
C GLN B 56 -2.75 20.91 -4.11
N ARG B 57 -2.22 19.94 -3.36
CA ARG B 57 -1.87 18.67 -4.00
C ARG B 57 -3.11 17.83 -4.27
N HIS B 58 -4.08 17.84 -3.37
CA HIS B 58 -5.23 16.94 -3.46
C HIS B 58 -6.47 17.69 -3.91
N PRO B 59 -7.01 17.41 -5.09
CA PRO B 59 -8.15 18.18 -5.60
C PRO B 59 -9.39 18.09 -4.74
N MET B 60 -9.62 16.95 -4.08
CA MET B 60 -10.83 16.84 -3.27
C MET B 60 -10.78 17.73 -2.03
N LEU B 61 -9.58 18.15 -1.61
CA LEU B 61 -9.50 19.16 -0.56
C LEU B 61 -9.90 20.54 -1.07
N ARG B 62 -10.14 20.68 -2.38
CA ARG B 62 -10.60 21.92 -2.97
C ARG B 62 -11.96 21.76 -3.64
N ALA B 63 -12.75 20.77 -3.21
CA ALA B 63 -14.02 20.46 -3.81
C ALA B 63 -15.19 20.91 -2.93
N VAL B 64 -16.37 21.00 -3.54
CA VAL B 64 -17.61 21.29 -2.84
C VAL B 64 -18.67 20.26 -3.23
N ILE B 65 -19.64 20.06 -2.34
CA ILE B 65 -20.80 19.24 -2.62
C ILE B 65 -21.93 20.16 -3.09
N LEU B 66 -22.50 19.87 -4.28
CA LEU B 66 -23.53 20.78 -4.78
C LEU B 66 -24.93 20.24 -4.48
N PRO B 67 -25.90 21.16 -4.33
CA PRO B 67 -27.25 20.72 -3.94
C PRO B 67 -27.90 19.71 -4.87
N GLU B 68 -27.57 19.71 -6.17
CA GLU B 68 -28.19 18.76 -7.09
C GLU B 68 -27.69 17.34 -6.90
N GLY B 69 -26.80 17.08 -5.94
CA GLY B 69 -26.30 15.74 -5.72
C GLY B 69 -25.10 15.37 -6.55
N LYS B 70 -24.17 16.32 -6.71
CA LYS B 70 -22.89 16.06 -7.36
C LYS B 70 -21.81 16.81 -6.58
N GLN B 71 -20.56 16.59 -6.99
CA GLN B 71 -19.42 17.25 -6.38
C GLN B 71 -18.59 17.91 -7.48
N GLN B 72 -17.87 18.96 -7.09
CA GLN B 72 -17.12 19.74 -8.06
C GLN B 72 -15.81 20.21 -7.45
N ILE B 73 -14.72 20.02 -8.17
CA ILE B 73 -13.42 20.57 -7.78
C ILE B 73 -13.37 22.03 -8.21
N LEU B 74 -13.10 22.91 -7.24
CA LEU B 74 -13.09 24.34 -7.51
C LEU B 74 -11.85 24.75 -8.28
N ARG B 75 -12.01 25.77 -9.14
CA ARG B 75 -10.93 26.35 -9.90
C ARG B 75 -9.82 26.80 -8.97
N ASP B 76 -10.10 27.82 -8.16
CA ASP B 76 -9.19 28.32 -7.16
C ASP B 76 -9.94 28.48 -5.84
N VAL B 77 -9.21 28.40 -4.74
CA VAL B 77 -9.77 28.58 -3.41
C VAL B 77 -9.01 29.70 -2.71
N PRO B 78 -9.63 30.44 -1.80
CA PRO B 78 -8.87 31.40 -1.00
C PRO B 78 -7.78 30.69 -0.21
N GLU B 79 -6.70 31.42 0.06
CA GLU B 79 -5.64 30.90 0.91
C GLU B 79 -6.21 30.48 2.26
N TYR B 80 -5.83 29.28 2.71
CA TYR B 80 -6.23 28.80 4.02
C TYR B 80 -5.07 28.97 4.99
N GLU B 81 -5.35 29.56 6.14
CA GLU B 81 -4.38 29.70 7.22
C GLU B 81 -4.96 29.12 8.49
N ILE B 82 -4.11 28.47 9.28
CA ILE B 82 -4.53 27.98 10.60
C ILE B 82 -4.74 29.19 11.50
N GLU B 83 -5.98 29.42 11.92
CA GLU B 83 -6.24 30.49 12.89
C GLU B 83 -5.62 30.12 14.23
N VAL B 84 -4.92 31.08 14.83
CA VAL B 84 -4.33 30.92 16.16
C VAL B 84 -5.10 31.83 17.11
N GLU B 85 -5.67 31.23 18.16
CA GLU B 85 -6.34 31.96 19.22
C GLU B 85 -5.51 31.83 20.49
N SER B 86 -4.99 32.95 20.97
CA SER B 86 -4.12 32.95 22.14
C SER B 86 -4.94 32.99 23.42
N LEU B 87 -4.55 32.15 24.39
CA LEU B 87 -5.19 32.12 25.70
C LEU B 87 -4.19 32.32 26.83
N VAL B 88 -3.00 32.85 26.53
CA VAL B 88 -1.89 32.76 27.47
C VAL B 88 -2.09 33.67 28.69
N SER B 89 -2.91 34.73 28.56
CA SER B 89 -3.16 35.67 29.64
C SER B 89 -4.28 35.18 30.54
N MET B 90 -4.95 34.20 30.14
CA MET B 90 -6.16 33.79 30.83
C MET B 90 -5.86 32.74 31.88
N PRO B 91 -6.47 32.89 33.05
CA PRO B 91 -6.32 31.88 34.10
C PRO B 91 -6.90 30.55 33.64
N PRO B 92 -6.44 29.44 34.23
CA PRO B 92 -6.80 28.12 33.70
C PRO B 92 -8.30 27.86 33.67
N GLU B 93 -9.07 28.43 34.60
CA GLU B 93 -10.50 28.17 34.63
C GLU B 93 -11.20 28.81 33.43
N LYS B 94 -10.83 30.04 33.09
CA LYS B 94 -11.38 30.68 31.89
C LYS B 94 -10.84 30.06 30.62
N GLN B 95 -9.59 29.58 30.63
CA GLN B 95 -9.08 28.83 29.48
C GLN B 95 -9.92 27.60 29.21
N ALA B 96 -10.19 26.81 30.25
CA ALA B 96 -10.98 25.58 30.08
C ALA B 96 -12.38 25.90 29.56
N ALA B 97 -12.98 26.98 30.05
CA ALA B 97 -14.33 27.35 29.58
C ALA B 97 -14.33 27.70 28.10
N ARG B 98 -13.35 28.48 27.65
CA ARG B 98 -13.27 28.84 26.24
C ARG B 98 -13.06 27.61 25.37
N LEU B 99 -12.20 26.68 25.80
CA LEU B 99 -11.98 25.46 25.03
C LEU B 99 -13.23 24.58 24.99
N ARG B 100 -13.97 24.53 26.11
CA ARG B 100 -15.19 23.73 26.14
C ARG B 100 -16.22 24.28 25.16
N GLU B 101 -16.35 25.59 25.13
CA GLU B 101 -17.28 26.24 24.21
C GLU B 101 -16.85 26.04 22.76
N GLU B 102 -15.56 26.23 22.48
CA GLU B 102 -15.04 26.06 21.13
C GLU B 102 -15.19 24.61 20.65
N ARG B 103 -14.93 23.65 21.54
CA ARG B 103 -15.14 22.25 21.20
C ARG B 103 -16.60 22.00 20.84
N SER B 104 -17.52 22.50 21.68
CA SER B 104 -18.94 22.27 21.43
C SER B 104 -19.40 22.96 20.15
N ARG B 105 -18.86 24.14 19.84
CA ARG B 105 -19.26 24.82 18.62
C ARG B 105 -18.74 24.11 17.38
N MET B 106 -17.49 23.65 17.43
CA MET B 106 -16.92 22.94 16.28
C MET B 106 -17.61 21.60 16.05
N ILE B 107 -18.07 20.94 17.12
CA ILE B 107 -18.73 19.65 16.92
C ILE B 107 -20.15 19.84 16.38
N ASP B 108 -20.81 20.95 16.72
CA ASP B 108 -22.14 21.24 16.22
C ASP B 108 -22.13 22.05 14.92
N HIS B 109 -20.97 22.55 14.50
CA HIS B 109 -20.88 23.39 13.32
C HIS B 109 -21.33 22.63 12.07
N VAL B 110 -21.95 23.36 11.15
CA VAL B 110 -22.48 22.79 9.90
C VAL B 110 -21.79 23.46 8.72
N PHE B 111 -21.23 22.65 7.83
CA PHE B 111 -20.65 23.17 6.60
C PHE B 111 -21.74 23.31 5.55
N PRO B 112 -21.96 24.51 5.00
CA PRO B 112 -23.02 24.70 4.00
C PRO B 112 -22.72 23.99 2.69
N LEU B 113 -23.79 23.53 2.03
CA LEU B 113 -23.65 22.94 0.70
C LEU B 113 -23.07 23.95 -0.28
N GLY B 114 -22.22 23.44 -1.18
CA GLY B 114 -21.72 24.26 -2.28
C GLY B 114 -20.60 25.21 -1.94
N GLN B 115 -20.20 25.31 -0.68
CA GLN B 115 -19.22 26.29 -0.26
C GLN B 115 -17.98 25.60 0.30
N TRP B 116 -16.90 26.37 0.38
CA TRP B 116 -15.59 25.88 0.76
C TRP B 116 -15.03 26.69 1.94
N PRO B 117 -14.31 26.05 2.86
CA PRO B 117 -13.98 24.61 2.89
C PRO B 117 -14.89 23.80 3.78
N LEU B 118 -14.79 22.47 3.64
CA LEU B 118 -15.51 21.52 4.49
C LEU B 118 -14.61 20.95 5.58
N PHE B 119 -13.72 21.78 6.12
CA PHE B 119 -12.86 21.40 7.22
C PHE B 119 -12.49 22.66 8.00
N GLU B 120 -11.96 22.46 9.20
CA GLU B 120 -11.43 23.56 9.98
C GLU B 120 -10.23 23.07 10.79
N LEU B 121 -9.13 23.81 10.71
CA LEU B 121 -7.91 23.49 11.45
C LEU B 121 -7.52 24.72 12.25
N LYS B 122 -7.81 24.70 13.55
CA LYS B 122 -7.59 25.84 14.43
C LYS B 122 -6.68 25.44 15.59
N ALA B 123 -5.86 26.40 16.02
CA ALA B 123 -4.93 26.19 17.12
C ALA B 123 -5.21 27.18 18.23
N PHE B 124 -5.20 26.69 19.47
CA PHE B 124 -5.35 27.51 20.66
C PHE B 124 -4.03 27.52 21.43
N GLN B 125 -3.46 28.70 21.61
CA GLN B 125 -2.17 28.84 22.29
C GLN B 125 -2.40 28.86 23.79
N LEU B 126 -2.00 27.78 24.47
CA LEU B 126 -2.16 27.69 25.92
C LEU B 126 -1.00 28.35 26.65
N GLN B 127 0.24 27.98 26.31
CA GLN B 127 1.41 28.66 26.84
C GLN B 127 2.34 28.97 25.67
N GLU B 128 3.61 29.24 25.98
CA GLU B 128 4.51 29.88 25.01
C GLU B 128 4.72 29.03 23.76
N HIS B 129 4.93 27.72 23.94
CA HIS B 129 5.16 26.83 22.80
C HIS B 129 4.23 25.62 22.86
N THR B 130 3.08 25.75 23.52
CA THR B 130 2.13 24.65 23.63
C THR B 130 0.79 25.10 23.08
N TYR B 131 0.31 24.37 22.07
CA TYR B 131 -0.94 24.66 21.40
C TYR B 131 -1.86 23.45 21.51
N LEU B 132 -3.16 23.70 21.41
CA LEU B 132 -4.15 22.65 21.20
C LEU B 132 -4.61 22.76 19.75
N LEU B 133 -4.25 21.79 18.94
CA LEU B 133 -4.58 21.80 17.52
C LEU B 133 -5.85 21.00 17.32
N CYS B 134 -6.88 21.66 16.82
CA CYS B 134 -8.19 21.05 16.62
C CYS B 134 -8.44 20.92 15.13
N PHE B 135 -8.81 19.72 14.70
CA PHE B 135 -9.07 19.44 13.30
C PHE B 135 -10.44 18.78 13.17
N ARG B 136 -11.21 19.23 12.20
CA ARG B 136 -12.53 18.70 11.92
C ARG B 136 -12.76 18.71 10.42
N TYR B 137 -13.42 17.68 9.91
CA TYR B 137 -13.69 17.60 8.48
C TYR B 137 -15.00 16.85 8.26
N ASP B 138 -15.75 17.29 7.26
CA ASP B 138 -16.97 16.60 6.86
C ASP B 138 -16.63 15.28 6.19
N ALA B 139 -17.42 14.25 6.48
CA ALA B 139 -17.18 12.94 5.87
C ALA B 139 -17.56 12.90 4.39
N LEU B 140 -18.31 13.89 3.90
CA LEU B 140 -18.51 14.02 2.47
C LEU B 140 -17.21 14.32 1.74
N LEU B 141 -16.23 14.88 2.43
CA LEU B 141 -14.98 15.31 1.82
C LEU B 141 -14.04 14.13 1.58
N MET B 142 -13.81 13.32 2.61
CA MET B 142 -12.83 12.25 2.53
C MET B 142 -13.14 11.23 3.62
N ASP B 143 -12.69 9.99 3.40
CA ASP B 143 -12.82 8.96 4.42
C ASP B 143 -11.62 9.02 5.36
N GLY B 144 -11.61 8.10 6.34
CA GLY B 144 -10.55 8.12 7.34
C GLY B 144 -9.18 7.83 6.75
N ALA B 145 -9.11 6.88 5.80
CA ALA B 145 -7.83 6.58 5.15
C ALA B 145 -7.27 7.80 4.44
N SER B 146 -8.12 8.55 3.74
CA SER B 146 -7.66 9.77 3.10
C SER B 146 -7.16 10.78 4.13
N MET B 147 -7.81 10.82 5.30
CA MET B 147 -7.36 11.71 6.36
C MET B 147 -5.95 11.35 6.83
N ASN B 148 -5.62 10.05 6.85
CA ASN B 148 -4.26 9.65 7.17
C ASN B 148 -3.29 10.08 6.07
N LEU B 149 -3.71 9.99 4.81
CA LEU B 149 -2.89 10.53 3.72
C LEU B 149 -2.63 12.01 3.92
N VAL B 150 -3.66 12.76 4.33
CA VAL B 150 -3.50 14.19 4.56
C VAL B 150 -2.47 14.45 5.65
N GLY B 151 -2.55 13.70 6.75
CA GLY B 151 -1.55 13.83 7.80
C GLY B 151 -0.15 13.50 7.32
N GLN B 152 -0.03 12.53 6.41
CA GLN B 152 1.29 12.15 5.89
C GLN B 152 1.90 13.30 5.09
N ASP B 153 1.15 13.83 4.13
CA ASP B 153 1.64 14.96 3.35
C ASP B 153 1.87 16.19 4.22
N LEU B 154 1.04 16.38 5.25
CA LEU B 154 1.22 17.50 6.17
C LEU B 154 2.59 17.44 6.84
N MET B 155 2.90 16.30 7.47
CA MET B 155 4.18 16.16 8.15
C MET B 155 5.35 16.23 7.18
N HIS B 156 5.17 15.71 5.96
CA HIS B 156 6.24 15.76 4.97
C HIS B 156 6.62 17.21 4.64
N TYR B 157 5.63 18.02 4.26
CA TYR B 157 5.90 19.41 3.94
C TYR B 157 6.31 20.21 5.16
N TYR B 158 5.96 19.75 6.37
CA TYR B 158 6.44 20.42 7.58
C TYR B 158 7.94 20.26 7.74
N HIS B 159 8.44 19.02 7.64
CA HIS B 159 9.86 18.76 7.81
C HIS B 159 10.68 19.18 6.59
N GLN B 160 10.12 19.04 5.39
CA GLN B 160 10.84 19.30 4.14
C GLN B 160 9.98 20.19 3.26
N PRO B 161 9.94 21.49 3.55
CA PRO B 161 9.03 22.38 2.79
C PRO B 161 9.30 22.42 1.30
N ASP B 162 10.54 22.19 0.87
CA ASP B 162 10.91 22.31 -0.53
C ASP B 162 10.92 20.96 -1.26
N ALA B 163 10.88 19.85 -0.54
CA ALA B 163 10.90 18.53 -1.15
C ALA B 163 9.54 18.25 -1.78
N GLN B 164 9.47 18.36 -3.10
CA GLN B 164 8.20 18.21 -3.83
C GLN B 164 7.80 16.74 -3.90
N LEU B 165 6.52 16.48 -3.69
CA LEU B 165 5.97 15.13 -3.76
C LEU B 165 5.73 14.74 -5.21
N PRO B 166 5.74 13.44 -5.51
CA PRO B 166 5.60 13.00 -6.91
C PRO B 166 4.24 13.37 -7.46
N PRO B 167 4.19 13.90 -8.69
CA PRO B 167 2.91 14.37 -9.23
C PRO B 167 1.91 13.22 -9.40
N LEU B 168 0.66 13.52 -9.10
CA LEU B 168 -0.42 12.56 -9.29
C LEU B 168 -1.04 12.73 -10.67
N SER B 169 -1.29 11.60 -11.34
CA SER B 169 -1.97 11.59 -12.62
C SER B 169 -3.39 11.06 -12.53
N PHE B 170 -3.79 10.52 -11.38
CA PHE B 170 -5.11 9.94 -11.19
C PHE B 170 -5.88 10.78 -10.19
N THR B 171 -7.12 11.12 -10.53
CA THR B 171 -7.96 11.96 -9.69
C THR B 171 -9.19 11.19 -9.23
N PHE B 172 -9.85 11.73 -8.21
CA PHE B 172 -11.11 11.15 -7.75
C PHE B 172 -12.21 11.33 -8.79
N GLN B 173 -12.08 12.36 -9.63
CA GLN B 173 -12.99 12.49 -10.77
C GLN B 173 -12.83 11.33 -11.74
N ASP B 174 -11.57 10.95 -12.04
CA ASP B 174 -11.32 9.76 -12.84
C ASP B 174 -11.90 8.51 -12.19
N TYR B 175 -11.66 8.34 -10.89
CA TYR B 175 -12.19 7.19 -10.17
C TYR B 175 -13.71 7.12 -10.27
N MET B 176 -14.39 8.26 -10.16
CA MET B 176 -15.85 8.26 -10.20
C MET B 176 -16.38 7.86 -11.58
N HIS B 177 -15.66 8.21 -12.65
CA HIS B 177 -16.01 7.71 -13.97
C HIS B 177 -15.95 6.19 -14.01
N ILE B 178 -14.89 5.61 -13.45
CA ILE B 178 -14.80 4.15 -13.36
C ILE B 178 -15.88 3.61 -12.44
N TYR B 179 -16.15 4.31 -11.34
CA TYR B 179 -17.20 3.89 -10.41
C TYR B 179 -18.57 3.85 -11.11
N ASP B 180 -18.88 4.88 -11.90
CA ASP B 180 -20.18 4.95 -12.57
C ASP B 180 -20.34 3.86 -13.63
N ASP B 181 -19.26 3.53 -14.36
CA ASP B 181 -19.38 2.45 -15.34
C ASP B 181 -19.46 1.09 -14.66
N MET B 182 -18.89 0.99 -13.47
CA MET B 182 -18.89 -0.27 -12.75
C MET B 182 -20.24 -0.53 -12.10
N LYS B 183 -21.07 0.51 -11.97
CA LYS B 183 -22.43 0.33 -11.49
C LYS B 183 -23.27 -0.45 -12.48
N ARG B 184 -22.95 -0.36 -13.77
CA ARG B 184 -23.73 -1.06 -14.78
C ARG B 184 -22.88 -2.12 -15.47
N GLY B 185 -22.40 -3.09 -14.69
CA GLY B 185 -21.57 -4.16 -15.22
C GLY B 185 -22.10 -5.51 -14.78
N THR B 186 -21.54 -6.55 -15.41
CA THR B 186 -21.95 -7.91 -15.07
C THR B 186 -21.60 -8.26 -13.62
N GLU B 187 -20.43 -7.82 -13.15
CA GLU B 187 -20.06 -8.06 -11.76
C GLU B 187 -21.03 -7.39 -10.80
N TYR B 188 -21.53 -6.21 -11.16
CA TYR B 188 -22.54 -5.55 -10.34
C TYR B 188 -23.80 -6.40 -10.25
N GLU B 189 -24.21 -7.01 -11.36
CA GLU B 189 -25.43 -7.81 -11.37
C GLU B 189 -25.24 -9.12 -10.61
N THR B 190 -24.01 -9.63 -10.55
CA THR B 190 -23.75 -10.81 -9.72
C THR B 190 -23.84 -10.47 -8.24
N ALA B 191 -23.24 -9.34 -7.85
CA ALA B 191 -23.33 -8.90 -6.46
C ALA B 191 -24.76 -8.53 -6.08
N LYS B 192 -25.47 -7.84 -6.96
CA LYS B 192 -26.83 -7.42 -6.66
C LYS B 192 -27.76 -8.62 -6.47
N ALA B 193 -27.72 -9.58 -7.39
CA ALA B 193 -28.51 -10.79 -7.21
C ALA B 193 -28.13 -11.49 -5.92
N TYR B 194 -26.83 -11.48 -5.59
CA TYR B 194 -26.36 -12.11 -4.36
C TYR B 194 -26.89 -11.41 -3.12
N TRP B 195 -26.93 -10.07 -3.11
CA TRP B 195 -27.44 -9.37 -1.93
C TRP B 195 -28.96 -9.46 -1.86
N THR B 196 -29.63 -9.53 -3.01
CA THR B 196 -31.08 -9.68 -3.01
C THR B 196 -31.49 -11.05 -2.47
N ASN B 197 -30.58 -12.03 -2.59
CA ASN B 197 -30.90 -13.43 -2.28
C ASN B 197 -31.17 -13.67 -0.80
N LYS B 198 -30.37 -13.07 0.08
CA LYS B 198 -30.57 -13.21 1.51
C LYS B 198 -31.30 -12.05 2.15
N LEU B 199 -32.08 -11.27 1.40
CA LEU B 199 -32.83 -10.21 2.06
C LEU B 199 -33.88 -10.85 2.98
N PRO B 200 -34.54 -11.93 2.57
CA PRO B 200 -35.10 -12.86 3.58
C PRO B 200 -33.98 -13.67 4.21
N ASP B 201 -34.24 -14.13 5.44
CA ASP B 201 -33.31 -14.86 6.28
C ASP B 201 -32.13 -14.01 6.74
N PHE B 202 -32.15 -12.71 6.50
CA PHE B 202 -31.12 -11.83 7.00
C PHE B 202 -31.54 -11.28 8.35
N PRO B 203 -30.74 -11.43 9.40
CA PRO B 203 -31.18 -11.00 10.72
C PRO B 203 -31.23 -9.48 10.82
N PRO B 204 -32.02 -8.94 11.73
CA PRO B 204 -32.02 -7.50 11.96
C PRO B 204 -30.83 -7.09 12.82
N ALA B 205 -30.61 -5.78 12.88
CA ALA B 205 -29.59 -5.25 13.78
C ALA B 205 -29.89 -5.67 15.21
N PRO B 206 -28.86 -5.72 16.07
CA PRO B 206 -29.11 -6.06 17.49
C PRO B 206 -30.09 -5.09 18.12
N SER B 207 -31.16 -5.64 18.68
CA SER B 207 -32.19 -4.84 19.34
C SER B 207 -31.76 -4.64 20.79
N LEU B 208 -31.00 -3.58 21.02
CA LEU B 208 -30.55 -3.26 22.37
C LEU B 208 -31.64 -2.55 23.16
N LEU B 209 -31.39 -2.39 24.45
CA LEU B 209 -32.32 -1.70 25.34
C LEU B 209 -32.10 -0.20 25.18
N LEU B 210 -33.08 0.47 24.58
CA LEU B 210 -32.99 1.91 24.33
C LEU B 210 -33.71 2.68 25.42
N ALA B 211 -33.14 3.83 25.77
CA ALA B 211 -33.73 4.70 26.79
C ALA B 211 -34.90 5.51 26.25
N LYS B 212 -34.99 5.68 24.93
CA LYS B 212 -36.08 6.45 24.36
C LYS B 212 -36.29 6.00 22.92
N ASP B 213 -37.44 6.38 22.36
CA ASP B 213 -37.76 6.07 20.98
C ASP B 213 -36.91 6.96 20.06
N PRO B 214 -36.21 6.39 19.08
CA PRO B 214 -35.43 7.23 18.15
C PRO B 214 -36.24 8.30 17.44
N ALA B 215 -37.56 8.14 17.31
CA ALA B 215 -38.37 9.11 16.59
C ALA B 215 -38.46 10.47 17.28
N GLU B 216 -38.38 10.51 18.61
CA GLU B 216 -38.54 11.75 19.37
C GLU B 216 -37.23 12.38 19.81
N ILE B 217 -36.09 11.89 19.31
CA ILE B 217 -34.82 12.49 19.73
C ILE B 217 -34.62 13.83 19.04
N GLY B 218 -35.00 13.92 17.78
CA GLY B 218 -34.67 15.08 16.97
C GLY B 218 -33.29 14.91 16.37
N THR B 219 -32.47 15.92 16.49
CA THR B 219 -31.13 15.82 15.93
C THR B 219 -30.21 15.14 16.95
N PRO B 220 -29.49 14.09 16.56
CA PRO B 220 -28.70 13.33 17.54
C PRO B 220 -27.42 14.05 17.92
N ASN B 221 -27.05 13.91 19.19
CA ASN B 221 -25.75 14.33 19.71
C ASN B 221 -25.01 13.10 20.21
N PHE B 222 -23.72 13.02 19.88
CA PHE B 222 -22.93 11.83 20.17
C PHE B 222 -22.02 12.04 21.38
N GLN B 223 -21.86 10.98 22.16
CA GLN B 223 -20.84 10.90 23.20
C GLN B 223 -19.86 9.82 22.80
N SER B 224 -18.60 9.98 23.22
CA SER B 224 -17.55 9.03 22.88
C SER B 224 -16.89 8.50 24.14
N LEU B 225 -16.69 7.18 24.18
CA LEU B 225 -15.86 6.53 25.18
C LEU B 225 -14.65 5.93 24.48
N THR B 226 -13.46 6.34 24.89
CA THR B 226 -12.23 5.99 24.20
C THR B 226 -11.22 5.41 25.18
N THR B 227 -10.52 4.38 24.74
CA THR B 227 -9.45 3.77 25.52
C THR B 227 -8.35 3.32 24.57
N ILE B 228 -7.16 3.10 25.13
CA ILE B 228 -5.99 2.70 24.37
C ILE B 228 -5.58 1.31 24.81
N ILE B 229 -5.52 0.38 23.86
CA ILE B 229 -4.92 -0.93 24.08
C ILE B 229 -3.42 -0.81 23.87
N THR B 230 -2.64 -1.13 24.90
CA THR B 230 -1.20 -0.95 24.84
C THR B 230 -0.60 -1.79 23.72
N LYS B 231 0.61 -1.42 23.29
CA LYS B 231 1.26 -2.14 22.19
C LYS B 231 1.52 -3.59 22.56
N ASP B 232 1.86 -3.86 23.82
CA ASP B 232 2.07 -5.25 24.23
C ASP B 232 0.80 -6.06 24.12
N LYS B 233 -0.34 -5.49 24.53
CA LYS B 233 -1.60 -6.20 24.40
C LYS B 233 -2.03 -6.32 22.95
N TRP B 234 -1.85 -5.24 22.17
CA TRP B 234 -2.21 -5.28 20.76
C TRP B 234 -1.32 -6.25 19.99
N LEU B 235 -0.04 -6.33 20.35
CA LEU B 235 0.85 -7.33 19.75
C LEU B 235 0.37 -8.74 20.08
N LYS B 236 0.03 -8.99 21.33
CA LYS B 236 -0.43 -10.32 21.73
C LYS B 236 -1.73 -10.70 21.02
N LEU B 237 -2.63 -9.73 20.82
CA LEU B 237 -3.87 -10.03 20.12
C LEU B 237 -3.62 -10.32 18.65
N ARG B 238 -2.67 -9.60 18.04
CA ARG B 238 -2.30 -9.88 16.65
C ARG B 238 -1.62 -11.23 16.53
N ARG B 239 -0.70 -11.55 17.45
CA ARG B 239 -0.13 -12.90 17.51
C ARG B 239 -1.23 -13.95 17.63
N LEU B 240 -2.21 -13.69 18.48
CA LEU B 240 -3.25 -14.69 18.73
C LEU B 240 -4.19 -14.82 17.53
N ALA B 241 -4.50 -13.71 16.86
CA ALA B 241 -5.32 -13.78 15.66
C ALA B 241 -4.62 -14.60 14.56
N GLN B 242 -3.30 -14.46 14.44
CA GLN B 242 -2.56 -15.18 13.41
C GLN B 242 -2.38 -16.65 13.78
N ASP B 243 -2.24 -16.98 15.06
CA ASP B 243 -2.14 -18.38 15.45
C ASP B 243 -3.45 -19.11 15.22
N LYS B 244 -4.58 -18.41 15.33
CA LYS B 244 -5.90 -18.99 15.07
C LYS B 244 -6.35 -18.77 13.64
N GLN B 245 -5.45 -18.32 12.76
CA GLN B 245 -5.69 -18.16 11.32
C GLN B 245 -6.91 -17.28 11.02
N VAL B 246 -6.96 -16.11 11.66
CA VAL B 246 -8.02 -15.16 11.45
C VAL B 246 -7.44 -13.76 11.42
N THR B 247 -8.13 -12.84 10.74
CA THR B 247 -7.68 -11.46 10.72
C THR B 247 -8.04 -10.77 12.03
N PRO B 248 -7.25 -9.77 12.45
CA PRO B 248 -7.60 -9.02 13.66
C PRO B 248 -8.96 -8.35 13.59
N SER B 249 -9.37 -7.90 12.42
CA SER B 249 -10.68 -7.26 12.28
C SER B 249 -11.80 -8.26 12.52
N ALA B 250 -11.67 -9.48 11.98
CA ALA B 250 -12.67 -10.51 12.21
C ALA B 250 -12.74 -10.88 13.68
N LEU B 251 -11.58 -10.88 14.37
CA LEU B 251 -11.56 -11.17 15.80
C LEU B 251 -12.31 -10.10 16.59
N LEU B 252 -11.94 -8.84 16.40
CA LEU B 252 -12.58 -7.75 17.14
C LEU B 252 -14.06 -7.61 16.78
N CYS B 253 -14.41 -7.94 15.54
CA CYS B 253 -15.82 -7.91 15.16
C CYS B 253 -16.61 -8.99 15.88
N THR B 254 -15.99 -10.14 16.14
CA THR B 254 -16.66 -11.21 16.87
C THR B 254 -16.79 -10.86 18.35
N VAL B 255 -15.77 -10.23 18.92
CA VAL B 255 -15.88 -9.74 20.30
C VAL B 255 -16.99 -8.71 20.39
N TYR B 256 -17.04 -7.79 19.42
CA TYR B 256 -18.15 -6.85 19.31
C TYR B 256 -19.49 -7.57 19.30
N GLY B 257 -19.61 -8.60 18.46
CA GLY B 257 -20.85 -9.35 18.38
C GLY B 257 -21.23 -10.04 19.68
N GLU B 258 -20.23 -10.50 20.45
CA GLU B 258 -20.53 -11.17 21.71
C GLU B 258 -21.20 -10.22 22.70
N VAL B 259 -20.61 -9.02 22.87
CA VAL B 259 -21.19 -8.05 23.79
C VAL B 259 -22.56 -7.58 23.30
N LEU B 260 -22.70 -7.41 21.99
CA LEU B 260 -23.99 -6.99 21.45
C LEU B 260 -25.03 -8.08 21.63
N ALA B 261 -24.65 -9.34 21.44
CA ALA B 261 -25.58 -10.45 21.63
C ALA B 261 -26.00 -10.57 23.08
N PHE B 262 -25.06 -10.38 24.01
CA PHE B 262 -25.38 -10.47 25.43
C PHE B 262 -26.35 -9.38 25.85
N TRP B 263 -26.07 -8.12 25.49
CA TRP B 263 -26.88 -7.01 25.96
C TRP B 263 -28.20 -6.87 25.19
N SER B 264 -28.31 -7.49 24.02
CA SER B 264 -29.56 -7.49 23.26
C SER B 264 -30.35 -8.77 23.44
N ASN B 265 -29.78 -9.77 24.12
CA ASN B 265 -30.40 -11.08 24.29
C ASN B 265 -30.83 -11.65 22.95
N GLN B 266 -30.00 -11.38 21.95
CA GLN B 266 -30.20 -11.83 20.58
C GLN B 266 -28.99 -12.63 20.16
N ARG B 267 -29.16 -13.44 19.13
CA ARG B 267 -28.10 -14.34 18.71
C ARG B 267 -27.75 -14.17 17.25
N ARG B 268 -28.69 -13.72 16.43
CA ARG B 268 -28.42 -13.31 15.07
C ARG B 268 -28.41 -11.78 15.07
N LEU B 269 -27.23 -11.22 14.93
CA LEU B 269 -27.10 -9.77 14.80
C LEU B 269 -26.70 -9.42 13.37
N ALA B 270 -27.03 -8.20 13.00
CA ALA B 270 -26.60 -7.61 11.74
C ALA B 270 -25.63 -6.50 12.11
N ILE B 271 -24.39 -6.64 11.67
CA ILE B 271 -23.34 -5.67 11.97
C ILE B 271 -23.18 -4.81 10.74
N ASN B 272 -23.23 -3.50 10.90
CA ASN B 272 -22.94 -2.61 9.78
C ASN B 272 -21.44 -2.39 9.79
N LEU B 273 -20.74 -3.08 8.91
CA LEU B 273 -19.29 -3.01 8.86
C LEU B 273 -18.84 -1.97 7.85
N THR B 274 -18.02 -1.03 8.31
CA THR B 274 -17.50 0.05 7.48
C THR B 274 -16.02 -0.18 7.21
N VAL B 275 -15.66 -0.27 5.94
CA VAL B 275 -14.28 -0.50 5.53
C VAL B 275 -13.92 0.57 4.50
N PHE B 276 -12.62 0.75 4.30
CA PHE B 276 -12.11 1.75 3.38
C PHE B 276 -11.20 1.14 2.32
N ASN B 277 -11.35 -0.16 2.06
CA ASN B 277 -10.57 -0.81 1.01
C ASN B 277 -10.93 -0.22 -0.35
N ARG B 278 -9.91 0.06 -1.15
CA ARG B 278 -10.09 0.69 -2.45
C ARG B 278 -9.94 -0.33 -3.57
N TYR B 279 -10.86 -0.29 -4.52
CA TYR B 279 -10.75 -1.15 -5.70
C TYR B 279 -9.44 -0.85 -6.43
N PRO B 280 -8.70 -1.85 -6.84
CA PRO B 280 -7.44 -1.60 -7.56
C PRO B 280 -7.68 -1.24 -9.03
N VAL B 281 -8.34 -0.10 -9.25
CA VAL B 281 -8.70 0.33 -10.59
C VAL B 281 -7.63 1.20 -11.23
N HIS B 282 -6.56 1.53 -10.50
CA HIS B 282 -5.47 2.35 -11.01
C HIS B 282 -4.29 2.21 -10.07
N ASP B 283 -3.08 2.42 -10.61
CA ASP B 283 -1.88 2.25 -9.81
C ASP B 283 -1.81 3.22 -8.65
N GLU B 284 -2.43 4.39 -8.78
CA GLU B 284 -2.32 5.47 -7.81
C GLU B 284 -3.55 5.62 -6.93
N VAL B 285 -4.44 4.62 -6.92
CA VAL B 285 -5.72 4.76 -6.22
C VAL B 285 -5.53 4.93 -4.72
N GLU B 286 -4.46 4.35 -4.16
CA GLU B 286 -4.21 4.42 -2.72
C GLU B 286 -3.44 5.68 -2.33
N GLN B 287 -3.26 6.63 -3.25
CA GLN B 287 -2.51 7.85 -3.00
C GLN B 287 -3.37 9.09 -3.05
N ILE B 288 -4.64 8.99 -3.47
CA ILE B 288 -5.49 10.14 -3.68
C ILE B 288 -6.47 10.27 -2.53
N VAL B 289 -6.92 11.50 -2.30
CA VAL B 289 -7.88 11.81 -1.24
C VAL B 289 -9.29 11.76 -1.82
N GLY B 290 -10.18 11.07 -1.14
CA GLY B 290 -11.56 10.97 -1.60
C GLY B 290 -12.36 10.09 -0.67
N ASP B 291 -13.54 9.70 -1.13
CA ASP B 291 -14.42 8.80 -0.38
C ASP B 291 -14.40 7.43 -1.05
N PHE B 292 -13.87 6.44 -0.34
CA PHE B 292 -13.86 5.06 -0.79
C PHE B 292 -14.59 4.17 0.22
N THR B 293 -15.46 4.76 1.03
CA THR B 293 -16.15 4.01 2.06
C THR B 293 -17.07 2.97 1.44
N SER B 294 -16.93 1.69 1.83
CA SER B 294 -17.90 0.69 1.43
C SER B 294 -18.45 0.04 2.70
N LEU B 295 -19.75 -0.12 2.74
CA LEU B 295 -20.42 -0.86 3.80
C LEU B 295 -20.91 -2.23 3.37
N ILE B 296 -20.67 -3.16 4.28
CA ILE B 296 -21.01 -4.57 4.22
C ILE B 296 -21.82 -4.87 5.47
N LEU B 297 -22.98 -5.47 5.30
CA LEU B 297 -23.85 -5.84 6.40
C LEU B 297 -23.53 -7.28 6.78
N LEU B 298 -23.00 -7.48 7.98
CA LEU B 298 -22.47 -8.77 8.41
C LEU B 298 -23.56 -9.56 9.15
N ASP B 299 -23.99 -10.66 8.56
CA ASP B 299 -24.80 -11.61 9.33
C ASP B 299 -23.88 -12.29 10.34
N MET B 300 -24.24 -12.20 11.61
CA MET B 300 -23.44 -12.79 12.66
C MET B 300 -24.32 -13.73 13.47
N ASP B 301 -23.82 -14.95 13.70
CA ASP B 301 -24.50 -15.97 14.47
C ASP B 301 -23.67 -16.19 15.72
N MET B 302 -24.05 -15.57 16.82
CA MET B 302 -23.26 -15.63 18.05
C MET B 302 -23.62 -16.86 18.88
N ASP B 303 -23.52 -18.04 18.29
CA ASP B 303 -23.89 -19.27 18.95
C ASP B 303 -22.98 -19.61 20.13
N GLN B 304 -23.47 -19.40 21.36
CA GLN B 304 -22.92 -19.99 22.57
C GLN B 304 -23.03 -21.50 22.49
N LYS B 305 -22.30 -22.17 23.40
CA LYS B 305 -22.08 -23.61 23.32
C LYS B 305 -21.41 -23.95 22.00
N GLN B 306 -20.81 -22.96 21.37
CA GLN B 306 -19.92 -23.11 20.24
C GLN B 306 -18.70 -22.23 20.55
N PRO B 307 -17.49 -22.76 20.40
CA PRO B 307 -16.31 -22.05 20.91
C PRO B 307 -16.15 -20.68 20.28
N PHE B 308 -15.56 -19.76 21.05
CA PHE B 308 -15.38 -18.39 20.58
C PHE B 308 -14.58 -18.34 19.28
N PHE B 309 -13.41 -18.99 19.26
CA PHE B 309 -12.58 -18.94 18.06
C PHE B 309 -13.18 -19.73 16.93
N THR B 310 -14.04 -20.70 17.22
CA THR B 310 -14.86 -21.27 16.17
C THR B 310 -15.76 -20.20 15.59
N LYS B 311 -16.39 -19.40 16.45
CA LYS B 311 -17.25 -18.31 16.00
C LYS B 311 -16.48 -17.24 15.26
N VAL B 312 -15.19 -17.06 15.53
CA VAL B 312 -14.41 -16.07 14.79
C VAL B 312 -14.33 -16.45 13.31
N GLU B 313 -14.22 -17.75 13.02
CA GLU B 313 -14.02 -18.20 11.64
C GLU B 313 -15.20 -17.89 10.73
N GLN B 314 -16.45 -18.12 11.18
CA GLN B 314 -17.60 -17.85 10.30
C GLN B 314 -17.74 -16.35 10.03
N THR B 315 -17.55 -15.50 11.05
CA THR B 315 -17.62 -14.06 10.79
C THR B 315 -16.58 -13.67 9.75
N GLN B 316 -15.41 -14.31 9.79
CA GLN B 316 -14.42 -14.09 8.74
C GLN B 316 -14.95 -14.56 7.39
N SER B 317 -15.46 -15.80 7.34
CA SER B 317 -15.97 -16.34 6.08
C SER B 317 -17.09 -15.47 5.52
N THR B 318 -18.10 -15.17 6.34
CA THR B 318 -19.13 -14.23 5.94
C THR B 318 -18.51 -12.91 5.51
N LEU B 319 -17.48 -12.45 6.23
CA LEU B 319 -16.86 -11.17 5.90
C LEU B 319 -16.24 -11.21 4.52
N LEU B 320 -15.49 -12.27 4.19
CA LEU B 320 -14.90 -12.34 2.86
C LEU B 320 -15.97 -12.39 1.79
N ASP B 321 -17.04 -13.16 2.01
CA ASP B 321 -18.13 -13.18 1.05
C ASP B 321 -18.71 -11.78 0.85
N GLY B 322 -18.76 -10.99 1.92
CA GLY B 322 -19.17 -9.60 1.78
C GLY B 322 -18.23 -8.79 0.91
N LEU B 323 -16.92 -8.94 1.12
CA LEU B 323 -15.98 -8.16 0.31
C LEU B 323 -15.99 -8.56 -1.16
N GLU B 324 -16.30 -9.81 -1.47
CA GLU B 324 -16.31 -10.27 -2.85
C GLU B 324 -17.58 -9.87 -3.59
N HIS B 325 -18.48 -9.15 -2.92
CA HIS B 325 -19.66 -8.59 -3.54
C HIS B 325 -19.87 -7.13 -3.12
N ARG B 326 -18.78 -6.39 -2.89
CA ARG B 326 -18.89 -4.99 -2.50
C ARG B 326 -19.48 -4.12 -3.61
N HIS B 327 -19.46 -4.60 -4.85
CA HIS B 327 -19.91 -3.78 -5.97
C HIS B 327 -21.40 -3.44 -5.86
N TYR B 328 -22.18 -4.26 -5.18
CA TYR B 328 -23.52 -3.87 -4.74
C TYR B 328 -23.37 -3.42 -3.29
N ASP B 329 -23.41 -2.11 -3.08
CA ASP B 329 -22.98 -1.52 -1.83
C ASP B 329 -24.06 -1.68 -0.75
N GLY B 330 -23.63 -1.57 0.50
CA GLY B 330 -24.53 -1.75 1.62
C GLY B 330 -25.61 -0.69 1.72
N VAL B 331 -25.37 0.49 1.13
CA VAL B 331 -26.38 1.54 1.11
C VAL B 331 -27.60 1.11 0.31
N GLU B 332 -27.37 0.47 -0.85
CA GLU B 332 -28.47 -0.01 -1.67
C GLU B 332 -29.21 -1.15 -0.99
N PHE B 333 -28.45 -2.06 -0.35
CA PHE B 333 -29.08 -3.16 0.38
C PHE B 333 -29.82 -2.64 1.60
N ILE B 334 -29.26 -1.64 2.30
CA ILE B 334 -29.99 -1.03 3.41
C ILE B 334 -31.31 -0.44 2.91
N ARG B 335 -31.29 0.12 1.70
CA ARG B 335 -32.54 0.54 1.05
C ARG B 335 -33.46 -0.65 0.82
N ASP B 336 -32.92 -1.74 0.28
CA ASP B 336 -33.76 -2.92 0.04
C ASP B 336 -34.44 -3.37 1.33
N TYR B 337 -33.69 -3.41 2.42
CA TYR B 337 -34.24 -3.87 3.70
C TYR B 337 -35.27 -2.88 4.25
N THR B 338 -34.99 -1.59 4.14
CA THR B 338 -35.91 -0.56 4.64
C THR B 338 -37.27 -0.67 3.95
N ARG B 339 -37.28 -0.59 2.63
CA ARG B 339 -38.54 -0.62 1.88
C ARG B 339 -39.24 -1.97 2.03
N TYR B 340 -38.47 -3.05 2.12
CA TYR B 340 -39.06 -4.39 2.17
C TYR B 340 -39.73 -4.64 3.51
N HIS B 341 -39.25 -4.00 4.58
CA HIS B 341 -39.90 -4.10 5.88
C HIS B 341 -40.73 -2.87 6.23
N GLN B 342 -40.82 -1.88 5.35
CA GLN B 342 -41.72 -0.73 5.48
C GLN B 342 -41.46 0.11 6.73
N MET B 343 -40.18 0.34 7.03
CA MET B 343 -39.77 1.11 8.20
C MET B 343 -39.17 2.44 7.74
N ARG B 344 -39.87 3.07 6.79
CA ARG B 344 -39.28 4.13 5.95
C ARG B 344 -38.50 5.20 6.69
N PRO B 345 -39.02 5.88 7.72
CA PRO B 345 -38.19 6.89 8.39
C PRO B 345 -37.25 6.35 9.46
N LYS B 346 -37.16 5.03 9.65
CA LYS B 346 -36.36 4.51 10.74
C LYS B 346 -34.91 4.27 10.31
N ALA B 347 -34.04 4.19 11.32
CA ALA B 347 -32.67 3.76 11.11
C ALA B 347 -32.62 2.23 11.15
N VAL B 348 -32.26 1.61 10.03
CA VAL B 348 -32.44 0.17 9.86
C VAL B 348 -31.26 -0.62 10.42
N MET B 349 -30.03 -0.24 10.06
CA MET B 349 -28.83 -0.96 10.48
C MET B 349 -27.94 0.03 11.23
N PRO B 350 -28.32 0.40 12.46
CA PRO B 350 -27.61 1.49 13.18
C PRO B 350 -26.52 1.02 14.14
N ILE B 351 -26.17 -0.26 14.15
CA ILE B 351 -25.08 -0.75 14.98
C ILE B 351 -23.89 -0.98 14.05
N VAL B 352 -22.83 -0.20 14.24
CA VAL B 352 -21.76 -0.07 13.28
C VAL B 352 -20.44 -0.47 13.92
N PHE B 353 -19.62 -1.20 13.15
CA PHE B 353 -18.22 -1.45 13.49
C PHE B 353 -17.37 -0.83 12.39
N THR B 354 -16.52 0.12 12.77
CA THR B 354 -15.68 0.84 11.81
C THR B 354 -14.23 0.42 12.05
N SER B 355 -13.67 -0.31 11.10
CA SER B 355 -12.33 -0.86 11.22
C SER B 355 -11.35 0.00 10.44
N MET B 356 -10.44 0.65 11.14
CA MET B 356 -9.34 1.37 10.50
C MET B 356 -8.00 0.76 10.91
N LEU B 357 -7.85 -0.54 10.70
CA LEU B 357 -6.58 -1.21 10.97
C LEU B 357 -5.68 -1.07 9.75
N ALA B 358 -4.45 -0.60 9.98
CA ALA B 358 -3.54 -0.24 8.91
C ALA B 358 -2.51 -1.32 8.60
N GLY B 359 -2.67 -2.51 9.19
CA GLY B 359 -1.69 -3.56 9.00
C GLY B 359 -0.33 -3.19 9.54
N ALA B 360 -0.28 -2.88 10.84
CA ALA B 360 0.93 -2.46 11.54
C ALA B 360 1.55 -1.20 10.92
N GLY B 361 0.71 -0.28 10.48
CA GLY B 361 1.22 0.93 9.86
C GLY B 361 1.09 2.15 10.74
N ALA B 362 1.85 3.20 10.43
CA ALA B 362 1.90 4.37 11.28
C ALA B 362 0.66 5.24 11.09
N PHE B 363 0.29 5.96 12.16
CA PHE B 363 -0.76 6.96 12.11
C PHE B 363 -0.08 8.33 12.08
N ALA B 364 -0.15 9.00 10.93
CA ALA B 364 0.69 10.16 10.67
C ALA B 364 0.40 11.30 11.66
N TRP B 365 -0.87 11.50 12.02
CA TRP B 365 -1.22 12.61 12.90
C TRP B 365 -0.59 12.49 14.28
N GLU B 366 -0.23 11.28 14.72
CA GLU B 366 0.39 11.13 16.03
C GLU B 366 1.73 11.85 16.12
N GLU B 367 2.37 12.13 14.99
CA GLU B 367 3.61 12.90 14.99
C GLU B 367 3.40 14.34 15.42
N ILE B 368 2.17 14.85 15.33
CA ILE B 368 1.91 16.22 15.76
C ILE B 368 2.02 16.36 17.28
N GLY B 369 1.53 15.38 18.03
CA GLY B 369 1.63 15.46 19.47
C GLY B 369 0.81 14.43 20.22
N SER B 370 0.22 14.84 21.34
CA SER B 370 -0.55 13.95 22.19
C SER B 370 -2.02 14.10 21.86
N LEU B 371 -2.66 12.98 21.49
CA LEU B 371 -4.09 12.99 21.22
C LEU B 371 -4.85 13.26 22.52
N ARG B 372 -5.71 14.28 22.50
CA ARG B 372 -6.46 14.66 23.68
C ARG B 372 -7.94 14.31 23.62
N HIS B 373 -8.54 14.30 22.44
CA HIS B 373 -9.96 13.99 22.32
C HIS B 373 -10.27 13.61 20.89
N ILE B 374 -11.31 12.81 20.71
CA ILE B 374 -11.79 12.43 19.39
C ILE B 374 -13.30 12.25 19.47
N HIS B 375 -13.99 12.70 18.43
CA HIS B 375 -15.45 12.66 18.39
C HIS B 375 -15.91 12.37 16.98
N ALA B 376 -16.98 11.59 16.86
CA ALA B 376 -17.50 11.18 15.56
C ALA B 376 -19.02 11.16 15.58
N ARG B 377 -19.64 11.79 14.59
CA ARG B 377 -21.08 11.82 14.43
C ARG B 377 -21.45 11.22 13.07
N THR B 378 -22.52 10.44 13.04
CA THR B 378 -23.03 9.87 11.81
C THR B 378 -24.56 9.80 11.90
N PRO B 379 -25.27 10.09 10.82
CA PRO B 379 -26.74 9.95 10.85
C PRO B 379 -27.17 8.50 10.81
N GLN B 380 -28.31 8.24 11.45
CA GLN B 380 -28.96 6.92 11.42
C GLN B 380 -28.06 5.84 12.01
N VAL B 381 -27.38 6.17 13.11
CA VAL B 381 -26.46 5.26 13.78
C VAL B 381 -26.70 5.35 15.28
N TYR B 382 -26.99 4.22 15.92
CA TYR B 382 -27.10 4.19 17.39
C TYR B 382 -25.73 4.18 18.03
N LEU B 383 -24.84 3.31 17.56
CA LEU B 383 -23.57 3.02 18.20
C LEU B 383 -22.54 2.72 17.14
N ASP B 384 -21.38 3.37 17.23
CA ASP B 384 -20.30 3.19 16.27
C ASP B 384 -19.04 2.77 17.02
N ASN B 385 -18.62 1.52 16.81
CA ASN B 385 -17.38 1.01 17.38
C ASN B 385 -16.28 1.27 16.37
N VAL B 386 -15.45 2.27 16.66
CA VAL B 386 -14.35 2.67 15.78
C VAL B 386 -13.06 2.12 16.38
N VAL B 387 -12.32 1.35 15.59
CA VAL B 387 -11.05 0.78 16.00
C VAL B 387 -9.98 1.33 15.08
N ILE B 388 -8.96 1.97 15.67
CA ILE B 388 -7.91 2.64 14.92
C ILE B 388 -6.55 2.14 15.40
N GLU B 389 -5.76 1.56 14.50
CA GLU B 389 -4.39 1.21 14.82
C GLU B 389 -3.55 2.48 14.90
N LYS B 390 -2.97 2.74 16.06
CA LYS B 390 -2.30 4.01 16.35
C LYS B 390 -0.85 3.73 16.77
N ASN B 391 0.03 3.53 15.78
CA ASN B 391 1.46 3.35 15.98
C ASN B 391 1.76 2.28 17.03
N GLY B 392 1.32 1.06 16.73
CA GLY B 392 1.50 -0.07 17.62
C GLY B 392 0.45 -0.23 18.69
N GLU B 393 -0.25 0.84 19.03
CA GLU B 393 -1.37 0.78 19.96
C GLU B 393 -2.68 0.67 19.19
N LEU B 394 -3.71 0.23 19.89
CA LEU B 394 -5.05 0.10 19.35
C LEU B 394 -5.94 1.15 20.01
N LEU B 395 -6.51 2.04 19.21
CA LEU B 395 -7.47 3.00 19.75
C LEU B 395 -8.88 2.47 19.54
N VAL B 396 -9.65 2.42 20.62
CA VAL B 396 -11.02 1.94 20.60
C VAL B 396 -11.91 3.09 21.04
N SER B 397 -12.82 3.50 20.17
CA SER B 397 -13.68 4.66 20.42
C SER B 397 -15.12 4.28 20.10
N TRP B 398 -15.97 4.31 21.11
CA TRP B 398 -17.39 4.04 20.96
C TRP B 398 -18.14 5.36 20.93
N ASN B 399 -18.82 5.62 19.82
CA ASN B 399 -19.63 6.82 19.66
C ASN B 399 -21.10 6.41 19.63
N TYR B 400 -21.88 6.93 20.56
CA TYR B 400 -23.27 6.56 20.71
C TYR B 400 -24.13 7.80 20.89
N VAL B 401 -25.40 7.68 20.52
CA VAL B 401 -26.35 8.77 20.71
C VAL B 401 -26.67 8.85 22.20
N GLU B 402 -26.35 9.99 22.81
CA GLU B 402 -26.46 10.12 24.27
C GLU B 402 -27.90 10.01 24.73
N GLU B 403 -28.83 10.60 23.98
CA GLU B 403 -30.24 10.56 24.36
C GLU B 403 -30.82 9.15 24.29
N LEU B 404 -30.15 8.23 23.61
CA LEU B 404 -30.70 6.92 23.32
C LEU B 404 -30.27 5.84 24.31
N PHE B 405 -29.24 6.11 25.12
CA PHE B 405 -28.71 5.12 26.03
C PHE B 405 -28.43 5.75 27.39
N ASP B 406 -28.74 5.01 28.45
CA ASP B 406 -28.27 5.38 29.78
C ASP B 406 -26.76 5.35 29.79
N ALA B 407 -26.15 6.38 30.38
CA ALA B 407 -24.69 6.45 30.40
C ALA B 407 -24.06 5.23 31.07
N GLU B 408 -24.75 4.64 32.04
CA GLU B 408 -24.18 3.52 32.79
C GLU B 408 -24.21 2.22 31.99
N VAL B 409 -25.28 1.97 31.22
CA VAL B 409 -25.31 0.75 30.41
C VAL B 409 -24.29 0.81 29.28
N MET B 410 -24.21 1.96 28.59
CA MET B 410 -23.23 2.10 27.52
C MET B 410 -21.81 1.99 28.06
N GLU B 411 -21.55 2.61 29.22
CA GLU B 411 -20.27 2.40 29.88
C GLU B 411 -20.02 0.93 30.18
N SER B 412 -21.07 0.24 30.67
CA SER B 412 -20.92 -1.17 31.03
C SER B 412 -20.59 -2.02 29.81
N MET B 413 -21.24 -1.76 28.68
CA MET B 413 -20.92 -2.50 27.45
C MET B 413 -19.50 -2.23 26.99
N PHE B 414 -19.06 -0.97 27.08
CA PHE B 414 -17.71 -0.62 26.65
C PHE B 414 -16.64 -1.33 27.47
N THR B 415 -16.78 -1.31 28.81
CA THR B 415 -15.78 -1.97 29.65
C THR B 415 -15.78 -3.47 29.45
N GLN B 416 -16.94 -4.07 29.16
CA GLN B 416 -16.98 -5.51 28.95
C GLN B 416 -16.34 -5.90 27.62
N PHE B 417 -16.49 -5.06 26.59
CA PHE B 417 -15.74 -5.26 25.36
C PHE B 417 -14.24 -5.22 25.62
N VAL B 418 -13.78 -4.18 26.30
CA VAL B 418 -12.36 -4.06 26.62
C VAL B 418 -11.91 -5.21 27.51
N GLU B 419 -12.78 -5.65 28.43
CA GLU B 419 -12.37 -6.69 29.37
C GLU B 419 -12.21 -8.04 28.69
N LEU B 420 -13.02 -8.35 27.67
CA LEU B 420 -12.80 -9.61 26.96
C LEU B 420 -11.55 -9.56 26.09
N LEU B 421 -11.15 -8.37 25.63
CA LEU B 421 -9.85 -8.27 24.97
C LEU B 421 -8.73 -8.59 25.95
N ASP B 422 -8.84 -8.09 27.17
CA ASP B 422 -7.87 -8.49 28.18
C ASP B 422 -7.89 -10.00 28.39
N GLN B 423 -9.09 -10.59 28.47
CA GLN B 423 -9.18 -12.03 28.66
C GLN B 423 -8.46 -12.80 27.56
N LEU B 424 -8.64 -12.38 26.30
CA LEU B 424 -8.00 -13.08 25.20
C LEU B 424 -6.48 -12.99 25.25
N VAL B 425 -5.94 -11.89 25.80
CA VAL B 425 -4.48 -11.76 25.84
C VAL B 425 -3.89 -12.65 26.94
N GLU B 426 -4.63 -12.81 28.04
CA GLU B 426 -4.12 -13.58 29.17
C GLU B 426 -4.43 -15.07 28.97
N GLN B 427 -5.69 -15.38 28.62
CA GLN B 427 -6.18 -16.75 28.63
C GLN B 427 -6.38 -17.35 27.24
N GLY B 428 -6.19 -16.59 26.17
CA GLY B 428 -6.34 -17.11 24.82
C GLY B 428 -7.75 -17.51 24.43
N ASP B 429 -8.74 -17.14 25.23
CA ASP B 429 -10.14 -17.46 24.95
C ASP B 429 -10.99 -16.58 25.86
N ILE B 430 -12.31 -16.69 25.73
CA ILE B 430 -13.21 -15.94 26.59
C ILE B 430 -14.22 -16.89 27.24
N ASN B 431 -14.69 -16.52 28.46
CA ASN B 431 -15.84 -17.21 29.01
C ASN B 431 -17.09 -16.35 28.82
N PRO B 432 -18.28 -16.96 28.68
CA PRO B 432 -19.55 -16.23 28.65
C PRO B 432 -19.70 -15.24 29.79
#